data_2CHG
#
_entry.id   2CHG
#
_cell.length_a   77.504
_cell.length_b   91.472
_cell.length_c   140.644
_cell.angle_alpha   90.00
_cell.angle_beta   90.00
_cell.angle_gamma   90.00
#
_symmetry.space_group_name_H-M   'P 21 21 21'
#
loop_
_entity.id
_entity.type
_entity.pdbx_description
1 polymer 'REPLICATION FACTOR C SMALL SUBUNIT'
2 non-polymer 'PHOSPHOAMINOPHOSPHONIC ACID-ADENYLATE ESTER'
3 non-polymer 'MAGNESIUM ION'
4 water water
#
_entity_poly.entity_id   1
_entity_poly.type   'polypeptide(L)'
_entity_poly.pdbx_seq_one_letter_code
;MENFEIWVEKYRPRTLDEVVGQDEVIQRLKGYVERKNIPHLLFSGPPGTGKTATAIALARDLFGENWRDNFIEMNASDER
GIDVVRHKIKEFARTAPIGGAPFKIIFLDEADALTADAQAALRRTMEMYSKSCRFILSCNYVSRIIEPIQSRCAVFRFKP
VPKEAMKKRLLEICEKEGVKITEDGLEALIYISGGDFRKAINALQGAAAIGEVVDADTIYQITATA
;
_entity_poly.pdbx_strand_id   A,B,C,D
#
# COMPACT_ATOMS: atom_id res chain seq x y z
N PHE A 4 19.26 4.63 0.23
CA PHE A 4 19.24 3.58 -0.82
C PHE A 4 18.13 3.80 -1.83
N GLU A 5 18.57 4.09 -3.04
CA GLU A 5 17.73 4.46 -4.14
C GLU A 5 18.50 3.84 -5.29
N ILE A 6 17.83 3.25 -6.26
CA ILE A 6 18.54 2.80 -7.45
C ILE A 6 18.11 3.60 -8.68
N TRP A 7 19.11 4.21 -9.31
CA TRP A 7 18.86 5.17 -10.38
C TRP A 7 18.30 4.43 -11.61
N VAL A 8 18.62 3.14 -11.72
CA VAL A 8 18.08 2.29 -12.78
C VAL A 8 16.54 2.34 -12.73
N GLU A 9 15.99 2.48 -11.52
CA GLU A 9 14.53 2.57 -11.34
C GLU A 9 14.02 4.00 -11.26
N LYS A 10 14.69 4.82 -10.46
CA LYS A 10 14.40 6.25 -10.40
C LYS A 10 14.36 6.88 -11.83
N TYR A 11 15.20 6.43 -12.74
CA TYR A 11 15.23 7.03 -14.09
C TYR A 11 14.76 6.08 -15.21
N ARG A 12 13.86 5.18 -14.82
CA ARG A 12 13.17 4.27 -15.73
C ARG A 12 12.06 5.05 -16.46
N PRO A 13 11.92 4.85 -17.79
CA PRO A 13 10.80 5.49 -18.51
C PRO A 13 9.44 5.29 -17.82
N ARG A 14 8.68 6.37 -17.64
CA ARG A 14 7.37 6.33 -16.98
C ARG A 14 6.24 6.36 -17.98
N THR A 15 6.60 6.63 -19.24
CA THR A 15 5.66 6.78 -20.33
C THR A 15 6.43 6.42 -21.60
N LEU A 16 5.71 6.04 -22.66
CA LEU A 16 6.37 5.59 -23.90
C LEU A 16 7.34 6.60 -24.47
N ASP A 17 7.00 7.88 -24.42
CA ASP A 17 7.88 8.93 -24.97
C ASP A 17 9.27 8.95 -24.34
N GLU A 18 9.40 8.36 -23.16
CA GLU A 18 10.65 8.38 -22.41
C GLU A 18 11.58 7.24 -22.77
N VAL A 19 11.09 6.26 -23.53
CA VAL A 19 12.03 5.30 -24.10
C VAL A 19 12.77 5.84 -25.33
N VAL A 20 14.04 5.51 -25.38
CA VAL A 20 14.96 6.15 -26.30
C VAL A 20 15.49 5.13 -27.31
N GLY A 21 15.82 5.59 -28.52
CA GLY A 21 16.42 4.76 -29.55
C GLY A 21 15.52 3.73 -30.23
N GLN A 22 14.19 3.87 -30.05
CA GLN A 22 13.23 2.89 -30.62
C GLN A 22 11.99 3.56 -31.21
N ASP A 23 12.17 4.69 -31.86
CA ASP A 23 11.07 5.57 -32.29
C ASP A 23 9.99 4.90 -33.12
N GLU A 24 10.37 4.04 -34.06
CA GLU A 24 9.42 3.32 -34.90
C GLU A 24 8.46 2.52 -34.03
N VAL A 25 9.03 1.72 -33.12
CA VAL A 25 8.26 0.90 -32.18
C VAL A 25 7.38 1.78 -31.29
N ILE A 26 7.92 2.89 -30.82
CA ILE A 26 7.18 3.73 -29.90
C ILE A 26 5.96 4.40 -30.58
N GLN A 27 6.13 4.91 -31.80
CA GLN A 27 5.01 5.51 -32.49
C GLN A 27 3.85 4.51 -32.59
N ARG A 28 4.11 3.32 -33.14
CA ARG A 28 3.12 2.23 -33.22
C ARG A 28 2.47 1.93 -31.88
N LEU A 29 3.30 1.85 -30.84
CA LEU A 29 2.81 1.52 -29.51
C LEU A 29 1.89 2.60 -28.96
N LYS A 30 2.23 3.86 -29.22
CA LYS A 30 1.40 4.98 -28.76
C LYS A 30 -0.01 4.98 -29.37
N GLY A 31 -0.14 4.48 -30.60
CA GLY A 31 -1.43 4.36 -31.25
C GLY A 31 -2.34 3.35 -30.56
N TYR A 32 -1.75 2.29 -30.02
CA TYR A 32 -2.49 1.36 -29.18
C TYR A 32 -2.99 2.00 -27.89
N VAL A 33 -2.14 2.79 -27.21
CA VAL A 33 -2.66 3.46 -26.03
C VAL A 33 -3.79 4.44 -26.40
N GLU A 34 -3.63 5.17 -27.51
CA GLU A 34 -4.73 6.03 -27.99
C GLU A 34 -6.04 5.26 -28.09
N ARG A 35 -5.97 4.04 -28.63
CA ARG A 35 -7.13 3.21 -28.83
C ARG A 35 -7.48 2.34 -27.62
N LYS A 36 -6.74 2.50 -26.53
CA LYS A 36 -7.03 1.87 -25.22
C LYS A 36 -7.10 0.36 -25.30
N ASN A 37 -6.27 -0.24 -26.14
CA ASN A 37 -6.26 -1.68 -26.29
C ASN A 37 -5.01 -2.16 -26.99
N ILE A 38 -4.55 -3.36 -26.66
CA ILE A 38 -3.44 -3.97 -27.36
C ILE A 38 -3.79 -5.40 -27.72
N PRO A 39 -3.18 -5.91 -28.80
CA PRO A 39 -3.18 -7.34 -29.01
C PRO A 39 -2.06 -7.95 -28.14
N HIS A 40 -1.89 -9.26 -28.18
CA HIS A 40 -0.69 -9.90 -27.68
C HIS A 40 0.47 -9.36 -28.46
N LEU A 41 1.60 -9.22 -27.79
CA LEU A 41 2.73 -8.48 -28.31
C LEU A 41 3.98 -9.35 -28.25
N LEU A 42 4.81 -9.27 -29.29
CA LEU A 42 6.09 -9.94 -29.28
C LEU A 42 7.17 -8.89 -29.48
N PHE A 43 8.03 -8.71 -28.47
CA PHE A 43 9.14 -7.75 -28.53
C PHE A 43 10.44 -8.48 -28.79
N SER A 44 11.14 -8.05 -29.81
CA SER A 44 12.28 -8.78 -30.29
C SER A 44 13.48 -7.88 -30.43
N GLY A 45 14.62 -8.26 -29.86
CA GLY A 45 15.84 -7.50 -30.08
C GLY A 45 16.92 -7.81 -29.07
N PRO A 46 18.12 -7.25 -29.26
CA PRO A 46 19.29 -7.52 -28.41
C PRO A 46 19.03 -7.21 -26.93
N PRO A 47 19.77 -7.91 -26.04
CA PRO A 47 19.58 -7.65 -24.62
C PRO A 47 19.88 -6.20 -24.28
N GLY A 48 19.12 -5.64 -23.34
CA GLY A 48 19.39 -4.30 -22.83
C GLY A 48 18.98 -3.18 -23.75
N THR A 49 18.22 -3.45 -24.82
CA THR A 49 17.77 -2.38 -25.72
C THR A 49 16.50 -1.63 -25.24
N GLY A 50 15.86 -2.15 -24.21
CA GLY A 50 14.73 -1.51 -23.58
C GLY A 50 13.40 -2.23 -23.72
N LYS A 51 13.43 -3.55 -23.91
CA LYS A 51 12.20 -4.29 -24.15
C LYS A 51 11.33 -4.28 -22.86
N THR A 52 11.96 -4.61 -21.73
CA THR A 52 11.27 -4.59 -20.45
C THR A 52 10.82 -3.17 -20.17
N ALA A 53 11.70 -2.19 -20.34
CA ALA A 53 11.32 -0.79 -20.08
C ALA A 53 10.10 -0.33 -20.89
N THR A 54 10.04 -0.67 -22.16
CA THR A 54 8.87 -0.27 -22.94
C THR A 54 7.59 -1.02 -22.58
N ALA A 55 7.69 -2.27 -22.13
CA ALA A 55 6.54 -3.00 -21.62
C ALA A 55 5.96 -2.30 -20.38
N ILE A 56 6.85 -1.84 -19.50
CA ILE A 56 6.43 -1.18 -18.27
C ILE A 56 5.83 0.19 -18.61
N ALA A 57 6.49 0.91 -19.52
CA ALA A 57 6.00 2.23 -19.95
C ALA A 57 4.63 2.13 -20.63
N LEU A 58 4.42 1.07 -21.41
CA LEU A 58 3.12 0.77 -22.01
C LEU A 58 2.05 0.52 -20.95
N ALA A 59 2.35 -0.33 -19.96
CA ALA A 59 1.42 -0.63 -18.88
C ALA A 59 1.00 0.62 -18.14
N ARG A 60 1.95 1.51 -17.91
CA ARG A 60 1.66 2.74 -17.20
C ARG A 60 0.78 3.65 -18.03
N ASP A 61 1.07 3.74 -19.32
CA ASP A 61 0.27 4.55 -20.23
C ASP A 61 -1.14 3.99 -20.33
N LEU A 62 -1.26 2.68 -20.45
CA LEU A 62 -2.55 2.00 -20.52
C LEU A 62 -3.38 2.11 -19.24
N PHE A 63 -2.77 1.89 -18.07
CA PHE A 63 -3.51 1.73 -16.80
C PHE A 63 -3.44 2.91 -15.83
N GLY A 64 -2.63 3.91 -16.12
CA GLY A 64 -2.42 5.04 -15.20
C GLY A 64 -1.58 4.70 -13.98
N GLU A 65 -1.75 5.48 -12.90
CA GLU A 65 -0.89 5.34 -11.73
C GLU A 65 -1.05 4.02 -10.99
N ASN A 66 -2.15 3.30 -11.19
CA ASN A 66 -2.36 2.01 -10.51
C ASN A 66 -2.00 0.77 -11.37
N TRP A 67 -1.09 0.98 -12.32
CA TRP A 67 -0.66 -0.06 -13.28
C TRP A 67 -0.14 -1.38 -12.70
N ARG A 68 0.54 -1.30 -11.55
CA ARG A 68 1.11 -2.49 -10.91
C ARG A 68 0.07 -3.53 -10.53
N ASP A 69 -1.13 -3.06 -10.25
CA ASP A 69 -2.27 -3.91 -9.89
C ASP A 69 -2.61 -4.92 -11.01
N ASN A 70 -2.33 -4.53 -12.25
CA ASN A 70 -2.74 -5.31 -13.43
C ASN A 70 -1.61 -5.73 -14.36
N PHE A 71 -0.39 -5.80 -13.82
CA PHE A 71 0.80 -6.08 -14.61
C PHE A 71 1.70 -7.01 -13.81
N ILE A 72 2.23 -8.01 -14.47
CA ILE A 72 3.24 -8.85 -13.80
C ILE A 72 4.42 -9.13 -14.74
N GLU A 73 5.61 -9.30 -14.18
CA GLU A 73 6.76 -9.72 -14.95
C GLU A 73 7.16 -11.09 -14.45
N MET A 74 7.47 -11.98 -15.38
CA MET A 74 8.13 -13.23 -15.06
C MET A 74 9.10 -13.68 -16.16
N ASN A 75 10.03 -14.55 -15.79
CA ASN A 75 11.00 -15.10 -16.72
C ASN A 75 10.48 -16.44 -17.23
N ALA A 76 10.33 -16.57 -18.54
CA ALA A 76 9.78 -17.80 -19.12
C ALA A 76 10.73 -19.00 -18.99
N SER A 77 12.02 -18.72 -18.82
CA SER A 77 13.06 -19.75 -18.80
C SER A 77 13.42 -20.13 -17.36
N ASP A 78 12.45 -20.02 -16.47
CA ASP A 78 12.56 -20.52 -15.12
C ASP A 78 13.14 -21.93 -15.10
N GLU A 79 14.11 -22.17 -14.22
CA GLU A 79 14.84 -23.43 -14.12
C GLU A 79 14.00 -24.63 -13.70
N ARG A 80 12.75 -24.38 -13.33
CA ARG A 80 11.82 -25.42 -12.84
C ARG A 80 10.84 -25.91 -13.92
N GLY A 81 11.00 -25.41 -15.15
CA GLY A 81 10.23 -25.90 -16.28
C GLY A 81 9.00 -25.06 -16.55
N ILE A 82 8.47 -25.21 -17.75
CA ILE A 82 7.33 -24.44 -18.25
C ILE A 82 6.04 -24.59 -17.42
N ASP A 83 5.86 -25.73 -16.79
CA ASP A 83 4.63 -26.00 -16.03
C ASP A 83 4.56 -25.16 -14.75
N VAL A 84 5.72 -24.82 -14.17
CA VAL A 84 5.78 -23.88 -13.06
C VAL A 84 5.35 -22.46 -13.51
N VAL A 85 5.96 -21.97 -14.58
CA VAL A 85 5.60 -20.70 -15.23
C VAL A 85 4.12 -20.65 -15.59
N ARG A 86 3.63 -21.75 -16.16
CA ARG A 86 2.25 -21.83 -16.57
C ARG A 86 1.32 -21.77 -15.37
N HIS A 87 1.77 -22.34 -14.25
CA HIS A 87 0.96 -22.29 -13.03
C HIS A 87 0.84 -20.86 -12.51
N LYS A 88 1.99 -20.18 -12.40
CA LYS A 88 2.05 -18.75 -12.10
C LYS A 88 1.11 -17.91 -12.98
N ILE A 89 1.09 -18.20 -14.28
CA ILE A 89 0.22 -17.47 -15.19
C ILE A 89 -1.24 -17.70 -14.83
N LYS A 90 -1.62 -18.93 -14.54
CA LYS A 90 -2.99 -19.29 -14.16
C LYS A 90 -3.42 -18.51 -12.92
N GLU A 91 -2.56 -18.49 -11.90
CA GLU A 91 -2.87 -17.81 -10.65
C GLU A 91 -3.13 -16.32 -10.84
N PHE A 92 -2.28 -15.65 -11.61
CA PHE A 92 -2.41 -14.22 -11.87
C PHE A 92 -3.67 -13.92 -12.66
N ALA A 93 -3.98 -14.81 -13.60
CA ALA A 93 -5.03 -14.63 -14.58
C ALA A 93 -6.42 -14.83 -14.00
N ARG A 94 -6.52 -15.61 -12.92
CA ARG A 94 -7.84 -16.06 -12.48
C ARG A 94 -8.63 -15.05 -11.63
N THR A 95 -7.98 -14.00 -11.14
CA THR A 95 -8.73 -12.87 -10.58
C THR A 95 -9.06 -11.85 -11.67
N ALA A 96 -10.16 -11.13 -11.50
CA ALA A 96 -10.57 -10.11 -12.45
C ALA A 96 -9.55 -8.97 -12.45
N PRO A 97 -9.47 -8.21 -13.56
CA PRO A 97 -8.66 -7.00 -13.49
C PRO A 97 -9.15 -6.09 -12.36
N ILE A 98 -8.20 -5.38 -11.74
CA ILE A 98 -8.47 -4.56 -10.57
C ILE A 98 -8.75 -3.13 -11.04
N GLY A 99 -9.62 -2.42 -10.35
CA GLY A 99 -9.85 -0.99 -10.61
C GLY A 99 -10.45 -0.66 -11.96
N GLY A 100 -11.16 -1.62 -12.54
CA GLY A 100 -11.90 -1.39 -13.80
C GLY A 100 -11.07 -1.37 -15.08
N ALA A 101 -9.79 -1.73 -14.97
CA ALA A 101 -8.92 -1.90 -16.14
C ALA A 101 -9.50 -2.92 -17.11
N PRO A 102 -9.27 -2.74 -18.42
CA PRO A 102 -9.89 -3.68 -19.39
C PRO A 102 -9.30 -5.09 -19.37
N PHE A 103 -8.04 -5.22 -18.99
CA PHE A 103 -7.35 -6.50 -18.98
C PHE A 103 -6.14 -6.39 -18.06
N LYS A 104 -5.47 -7.52 -17.85
CA LYS A 104 -4.19 -7.55 -17.16
C LYS A 104 -3.11 -7.87 -18.17
N ILE A 105 -1.87 -7.45 -17.88
CA ILE A 105 -0.72 -7.70 -18.75
C ILE A 105 0.29 -8.63 -18.09
N ILE A 106 0.69 -9.66 -18.82
CA ILE A 106 1.76 -10.53 -18.41
C ILE A 106 2.97 -10.34 -19.33
N PHE A 107 4.05 -9.84 -18.76
CA PHE A 107 5.29 -9.75 -19.48
C PHE A 107 6.10 -11.03 -19.24
N LEU A 108 6.42 -11.74 -20.31
CA LEU A 108 7.22 -12.96 -20.22
C LEU A 108 8.58 -12.74 -20.85
N ASP A 109 9.61 -12.69 -20.02
CA ASP A 109 10.95 -12.44 -20.49
C ASP A 109 11.59 -13.74 -20.99
N GLU A 110 12.50 -13.62 -21.96
CA GLU A 110 13.27 -14.75 -22.49
C GLU A 110 12.40 -15.90 -22.97
N ALA A 111 11.30 -15.59 -23.64
CA ALA A 111 10.42 -16.62 -24.18
C ALA A 111 11.11 -17.50 -25.24
N ASP A 112 12.14 -16.98 -25.90
CA ASP A 112 12.86 -17.74 -26.93
C ASP A 112 13.87 -18.76 -26.39
N ALA A 113 14.05 -18.81 -25.09
CA ALA A 113 14.89 -19.83 -24.45
C ALA A 113 14.08 -21.10 -24.21
N LEU A 114 12.78 -21.04 -24.50
CA LEU A 114 11.94 -22.21 -24.46
C LEU A 114 12.15 -23.11 -25.67
N THR A 115 12.20 -24.41 -25.41
CA THR A 115 12.10 -25.43 -26.45
C THR A 115 10.79 -25.23 -27.17
N ALA A 116 10.70 -25.75 -28.40
CA ALA A 116 9.45 -25.67 -29.19
C ALA A 116 8.28 -26.39 -28.50
N ASP A 117 8.58 -27.33 -27.64
CA ASP A 117 7.56 -28.06 -26.89
C ASP A 117 6.91 -27.14 -25.84
N ALA A 118 7.77 -26.58 -24.99
CA ALA A 118 7.37 -25.58 -24.00
C ALA A 118 6.61 -24.44 -24.64
N GLN A 119 7.07 -23.98 -25.81
CA GLN A 119 6.40 -22.90 -26.50
C GLN A 119 4.98 -23.25 -26.91
N ALA A 120 4.78 -24.51 -27.30
CA ALA A 120 3.42 -24.98 -27.61
C ALA A 120 2.59 -25.03 -26.34
N ALA A 121 3.18 -25.57 -25.27
CA ALA A 121 2.56 -25.57 -23.95
C ALA A 121 2.11 -24.15 -23.59
N LEU A 122 3.08 -23.24 -23.54
CA LEU A 122 2.82 -21.81 -23.33
C LEU A 122 1.80 -21.20 -24.29
N ARG A 123 1.76 -21.65 -25.54
CA ARG A 123 0.75 -21.09 -26.44
C ARG A 123 -0.68 -21.51 -26.06
N ARG A 124 -0.81 -22.65 -25.40
CA ARG A 124 -2.13 -23.06 -24.90
C ARG A 124 -2.60 -22.05 -23.86
N THR A 125 -1.84 -21.98 -22.77
CA THR A 125 -2.10 -21.04 -21.68
C THR A 125 -2.39 -19.64 -22.18
N MET A 126 -1.60 -19.17 -23.14
CA MET A 126 -1.87 -17.88 -23.77
C MET A 126 -3.26 -17.78 -24.37
N GLU A 127 -3.72 -18.85 -25.03
CA GLU A 127 -5.05 -18.88 -25.66
C GLU A 127 -6.16 -18.98 -24.63
N MET A 128 -5.94 -19.85 -23.64
CA MET A 128 -6.84 -20.00 -22.49
C MET A 128 -7.22 -18.69 -21.83
N TYR A 129 -6.36 -17.67 -21.93
CA TYR A 129 -6.62 -16.39 -21.24
C TYR A 129 -6.68 -15.14 -22.13
N SER A 130 -6.87 -15.32 -23.44
CA SER A 130 -6.79 -14.20 -24.39
C SER A 130 -7.75 -13.03 -24.19
N LYS A 131 -8.86 -13.24 -23.50
CA LYS A 131 -9.83 -12.15 -23.33
C LYS A 131 -9.51 -11.24 -22.16
N SER A 132 -9.03 -11.86 -21.08
CA SER A 132 -8.83 -11.18 -19.80
C SER A 132 -7.41 -10.68 -19.65
N CYS A 133 -6.48 -11.32 -20.36
CA CYS A 133 -5.05 -11.02 -20.26
C CYS A 133 -4.45 -10.70 -21.61
N ARG A 134 -3.40 -9.87 -21.58
CA ARG A 134 -2.55 -9.65 -22.75
C ARG A 134 -1.12 -10.06 -22.43
N PHE A 135 -0.51 -10.77 -23.35
CA PHE A 135 0.84 -11.25 -23.17
C PHE A 135 1.78 -10.41 -23.97
N ILE A 136 2.89 -10.04 -23.34
CA ILE A 136 3.99 -9.41 -24.03
C ILE A 136 5.12 -10.38 -23.84
N LEU A 137 5.57 -10.98 -24.93
CA LEU A 137 6.67 -11.90 -24.84
C LEU A 137 7.92 -11.19 -25.27
N SER A 138 9.01 -11.45 -24.57
CA SER A 138 10.29 -10.88 -24.95
C SER A 138 11.22 -11.94 -25.49
N CYS A 139 11.98 -11.60 -26.53
CA CYS A 139 12.89 -12.56 -27.15
C CYS A 139 14.04 -11.81 -27.79
N ASN A 140 15.15 -12.50 -28.03
CA ASN A 140 16.25 -11.89 -28.77
C ASN A 140 16.14 -12.11 -30.29
N TYR A 141 15.55 -13.21 -30.73
CA TYR A 141 15.34 -13.44 -32.17
C TYR A 141 13.97 -13.98 -32.50
N VAL A 142 13.25 -13.27 -33.37
CA VAL A 142 11.92 -13.70 -33.86
C VAL A 142 11.94 -15.15 -34.37
N SER A 143 13.01 -15.52 -35.06
CA SER A 143 13.15 -16.84 -35.71
C SER A 143 13.15 -17.96 -34.69
N ARG A 144 13.43 -17.61 -33.44
CA ARG A 144 13.44 -18.57 -32.33
C ARG A 144 12.09 -18.76 -31.62
N ILE A 145 11.07 -18.01 -32.04
CA ILE A 145 9.71 -18.17 -31.54
C ILE A 145 8.88 -18.94 -32.57
N ILE A 146 8.14 -19.94 -32.11
CA ILE A 146 7.33 -20.76 -32.99
C ILE A 146 6.25 -19.95 -33.73
N GLU A 147 6.01 -20.37 -34.97
CA GLU A 147 5.09 -19.71 -35.88
C GLU A 147 3.69 -19.46 -35.27
N PRO A 148 3.09 -20.47 -34.59
CA PRO A 148 1.81 -20.25 -33.92
C PRO A 148 1.79 -19.09 -32.93
N ILE A 149 2.94 -18.77 -32.33
CA ILE A 149 3.03 -17.60 -31.43
C ILE A 149 3.27 -16.34 -32.25
N GLN A 150 4.20 -16.39 -33.19
CA GLN A 150 4.46 -15.25 -34.07
C GLN A 150 3.21 -14.66 -34.72
N SER A 151 2.28 -15.51 -35.16
CA SER A 151 1.11 -15.03 -35.91
C SER A 151 0.00 -14.58 -34.97
N ARG A 152 0.12 -14.94 -33.70
CA ARG A 152 -0.86 -14.57 -32.68
C ARG A 152 -0.55 -13.20 -32.10
N CYS A 153 0.60 -12.63 -32.50
CA CYS A 153 1.15 -11.41 -31.91
C CYS A 153 1.40 -10.31 -32.93
N ALA A 154 1.20 -9.05 -32.53
CA ALA A 154 1.88 -7.94 -33.17
C ALA A 154 3.37 -7.96 -32.82
N VAL A 155 4.22 -7.85 -33.83
CA VAL A 155 5.68 -7.93 -33.68
C VAL A 155 6.35 -6.54 -33.68
N PHE A 156 7.34 -6.38 -32.79
CA PHE A 156 8.09 -5.14 -32.61
C PHE A 156 9.57 -5.47 -32.48
N ARG A 157 10.37 -4.96 -33.40
CA ARG A 157 11.78 -5.27 -33.48
C ARG A 157 12.60 -4.13 -32.89
N PHE A 158 13.24 -4.39 -31.77
CA PHE A 158 14.08 -3.40 -31.12
C PHE A 158 15.47 -3.39 -31.74
N LYS A 159 16.08 -2.21 -31.76
CA LYS A 159 17.38 -1.99 -32.37
C LYS A 159 18.41 -1.59 -31.31
N PRO A 160 19.70 -1.85 -31.58
CA PRO A 160 20.77 -1.31 -30.71
C PRO A 160 20.59 0.19 -30.47
N VAL A 161 20.75 0.66 -29.23
CA VAL A 161 20.66 2.10 -29.03
C VAL A 161 21.99 2.80 -29.33
N PRO A 162 21.93 3.85 -30.17
CA PRO A 162 23.12 4.59 -30.62
C PRO A 162 23.80 5.37 -29.50
N LYS A 163 25.11 5.54 -29.61
CA LYS A 163 25.91 6.22 -28.59
C LYS A 163 25.33 7.59 -28.24
N GLU A 164 24.83 8.29 -29.25
CA GLU A 164 24.27 9.64 -29.08
C GLU A 164 23.08 9.59 -28.17
N ALA A 165 22.26 8.57 -28.34
CA ALA A 165 21.02 8.44 -27.58
C ALA A 165 21.31 8.12 -26.11
N MET A 166 22.24 7.20 -25.89
CA MET A 166 22.72 6.95 -24.55
C MET A 166 23.37 8.16 -23.90
N LYS A 167 24.23 8.83 -24.65
CA LYS A 167 24.91 10.02 -24.14
C LYS A 167 23.90 11.06 -23.64
N LYS A 168 22.88 11.33 -24.45
CA LYS A 168 21.95 12.41 -24.15
C LYS A 168 21.16 12.09 -22.90
N ARG A 169 20.81 10.82 -22.74
CA ARG A 169 20.07 10.36 -21.58
C ARG A 169 20.88 10.37 -20.29
N LEU A 170 22.13 9.93 -20.37
CA LEU A 170 22.98 9.94 -19.19
C LEU A 170 23.17 11.37 -18.71
N LEU A 171 23.32 12.30 -19.67
CA LEU A 171 23.42 13.73 -19.36
C LEU A 171 22.20 14.27 -18.63
N GLU A 172 21.01 13.90 -19.09
CA GLU A 172 19.78 14.30 -18.42
C GLU A 172 19.79 13.84 -16.98
N ILE A 173 20.20 12.61 -16.74
CA ILE A 173 20.26 12.01 -15.39
C ILE A 173 21.29 12.75 -14.51
N CYS A 174 22.45 13.09 -15.07
CA CYS A 174 23.48 13.88 -14.37
C CYS A 174 22.95 15.24 -13.95
N GLU A 175 22.24 15.91 -14.87
CA GLU A 175 21.59 17.19 -14.60
C GLU A 175 20.62 17.11 -13.43
N LYS A 176 19.74 16.11 -13.48
CA LYS A 176 18.76 15.84 -12.43
C LYS A 176 19.40 15.53 -11.07
N GLU A 177 20.52 14.83 -11.07
CA GLU A 177 21.16 14.42 -9.81
C GLU A 177 22.31 15.34 -9.39
N GLY A 178 22.56 16.37 -10.20
CA GLY A 178 23.62 17.32 -9.92
C GLY A 178 25.01 16.71 -9.98
N VAL A 179 25.19 15.72 -10.85
CA VAL A 179 26.50 15.10 -11.04
C VAL A 179 27.31 15.99 -11.93
N LYS A 180 28.57 16.22 -11.55
CA LYS A 180 29.52 16.88 -12.45
C LYS A 180 30.41 15.82 -13.05
N ILE A 181 30.40 15.72 -14.37
CA ILE A 181 31.12 14.71 -15.10
C ILE A 181 31.91 15.41 -16.19
N THR A 182 33.15 15.02 -16.40
CA THR A 182 33.90 15.64 -17.48
C THR A 182 33.50 15.01 -18.80
N GLU A 183 34.01 15.60 -19.87
CA GLU A 183 33.77 15.12 -21.21
C GLU A 183 34.36 13.71 -21.33
N ASP A 184 35.57 13.54 -20.84
CA ASP A 184 36.28 12.27 -20.93
C ASP A 184 35.69 11.25 -19.97
N GLY A 185 35.17 11.72 -18.84
CA GLY A 185 34.47 10.85 -17.92
C GLY A 185 33.26 10.26 -18.63
N LEU A 186 32.52 11.09 -19.36
CA LEU A 186 31.32 10.66 -20.05
C LEU A 186 31.69 9.63 -21.15
N GLU A 187 32.79 9.87 -21.85
CA GLU A 187 33.30 8.95 -22.86
C GLU A 187 33.71 7.60 -22.27
N ALA A 188 34.33 7.63 -21.10
CA ALA A 188 34.71 6.41 -20.39
C ALA A 188 33.46 5.61 -19.97
N LEU A 189 32.46 6.32 -19.44
CA LEU A 189 31.19 5.72 -19.02
C LEU A 189 30.51 5.04 -20.22
N ILE A 190 30.39 5.77 -21.33
CA ILE A 190 29.85 5.17 -22.58
C ILE A 190 30.62 3.90 -23.02
N TYR A 191 31.95 3.97 -23.01
CA TYR A 191 32.83 2.83 -23.31
C TYR A 191 32.45 1.57 -22.53
N ILE A 192 32.36 1.72 -21.20
CA ILE A 192 32.02 0.68 -20.25
C ILE A 192 30.62 0.12 -20.43
N SER A 193 29.72 0.97 -20.90
CA SER A 193 28.31 0.56 -21.00
C SER A 193 28.18 -0.68 -21.87
N GLY A 194 28.95 -0.78 -22.95
CA GLY A 194 28.73 -1.83 -23.94
C GLY A 194 27.37 -1.75 -24.63
N GLY A 195 26.75 -0.58 -24.60
CA GLY A 195 25.44 -0.40 -25.23
C GLY A 195 24.32 -0.68 -24.26
N ASP A 196 24.68 -0.93 -23.00
CA ASP A 196 23.72 -1.35 -21.97
C ASP A 196 23.42 -0.23 -20.93
N PHE A 197 22.18 0.29 -20.96
CA PHE A 197 21.77 1.40 -20.09
C PHE A 197 21.86 1.02 -18.61
N ARG A 198 21.48 -0.20 -18.26
CA ARG A 198 21.50 -0.65 -16.88
C ARG A 198 22.91 -0.60 -16.29
N LYS A 199 23.88 -1.16 -17.01
CA LYS A 199 25.29 -1.11 -16.66
C LYS A 199 25.80 0.32 -16.52
N ALA A 200 25.47 1.16 -17.50
CA ALA A 200 25.92 2.55 -17.52
C ALA A 200 25.36 3.35 -16.34
N ILE A 201 24.05 3.25 -16.08
CA ILE A 201 23.41 4.01 -15.00
C ILE A 201 23.88 3.51 -13.62
N ASN A 202 24.09 2.20 -13.50
CA ASN A 202 24.59 1.63 -12.25
C ASN A 202 25.96 2.21 -11.93
N ALA A 203 26.81 2.21 -12.95
CA ALA A 203 28.16 2.74 -12.83
C ALA A 203 28.17 4.23 -12.54
N LEU A 204 27.23 4.97 -13.15
CA LEU A 204 27.11 6.40 -12.93
C LEU A 204 26.71 6.69 -11.49
N GLN A 205 25.78 5.90 -10.96
CA GLN A 205 25.36 6.13 -9.59
C GLN A 205 26.52 5.88 -8.60
N GLY A 206 27.27 4.80 -8.82
CA GLY A 206 28.42 4.48 -7.98
C GLY A 206 29.51 5.55 -8.09
N ALA A 207 29.74 6.06 -9.30
CA ALA A 207 30.74 7.09 -9.52
C ALA A 207 30.33 8.39 -8.82
N ALA A 208 29.03 8.67 -8.81
CA ALA A 208 28.54 9.91 -8.22
C ALA A 208 28.52 9.86 -6.70
N ALA A 209 28.43 8.66 -6.12
CA ALA A 209 28.32 8.47 -4.67
C ALA A 209 29.63 8.88 -3.98
N ILE A 210 30.72 8.84 -4.73
CA ILE A 210 32.03 9.29 -4.26
C ILE A 210 31.94 10.74 -3.80
N GLY A 211 31.08 11.52 -4.45
CA GLY A 211 30.82 12.91 -4.09
C GLY A 211 31.59 13.95 -4.90
N GLU A 212 32.41 13.53 -5.86
CA GLU A 212 33.27 14.48 -6.57
C GLU A 212 33.01 14.54 -8.09
N VAL A 213 33.72 15.43 -8.77
CA VAL A 213 33.75 15.46 -10.22
C VAL A 213 34.12 14.06 -10.74
N VAL A 214 33.27 13.55 -11.62
CA VAL A 214 33.42 12.24 -12.24
C VAL A 214 34.25 12.42 -13.51
N ASP A 215 35.38 11.71 -13.58
CA ASP A 215 36.21 11.63 -14.78
C ASP A 215 36.49 10.18 -15.15
N ALA A 216 37.40 9.94 -16.10
CA ALA A 216 37.61 8.59 -16.62
C ALA A 216 38.20 7.65 -15.56
N ASP A 217 39.10 8.16 -14.74
CA ASP A 217 39.65 7.42 -13.60
C ASP A 217 38.59 6.98 -12.61
N THR A 218 37.64 7.87 -12.30
CA THR A 218 36.56 7.46 -11.41
C THR A 218 35.69 6.34 -12.01
N ILE A 219 35.46 6.39 -13.33
CA ILE A 219 34.77 5.33 -14.04
C ILE A 219 35.49 3.97 -13.96
N TYR A 220 36.79 3.95 -14.23
CA TYR A 220 37.50 2.66 -14.13
C TYR A 220 37.62 2.16 -12.69
N GLN A 221 37.67 3.09 -11.74
CA GLN A 221 37.72 2.73 -10.31
C GLN A 221 36.43 2.00 -9.90
N ILE A 222 35.29 2.56 -10.27
CA ILE A 222 33.98 1.98 -10.01
C ILE A 222 33.84 0.59 -10.64
N THR A 223 34.38 0.49 -11.83
CA THR A 223 34.24 -0.64 -12.69
C THR A 223 35.20 -1.78 -12.30
N ALA A 224 36.32 -1.44 -11.63
CA ALA A 224 37.23 -2.44 -11.07
C ALA A 224 36.64 -3.07 -9.80
N THR A 225 35.67 -2.39 -9.22
CA THR A 225 35.06 -2.82 -7.96
C THR A 225 33.64 -3.32 -8.19
N ALA A 226 33.34 -3.68 -9.45
CA ALA A 226 32.04 -4.23 -9.85
C ALA A 226 31.77 -5.58 -9.17
N PHE B 4 -5.17 1.53 27.91
CA PHE B 4 -6.23 2.49 27.44
C PHE B 4 -7.25 1.82 26.52
N GLU B 5 -8.52 1.96 26.88
CA GLU B 5 -9.60 1.30 26.17
C GLU B 5 -10.86 2.14 26.34
N ILE B 6 -11.70 2.23 25.31
CA ILE B 6 -12.99 2.91 25.46
C ILE B 6 -14.13 2.02 25.05
N TRP B 7 -15.14 1.89 25.93
CA TRP B 7 -16.24 0.93 25.69
C TRP B 7 -17.10 1.34 24.52
N VAL B 8 -17.14 2.64 24.23
CA VAL B 8 -17.78 3.17 23.03
C VAL B 8 -17.26 2.45 21.79
N GLU B 9 -15.99 2.08 21.81
CA GLU B 9 -15.39 1.33 20.69
C GLU B 9 -15.38 -0.16 20.93
N LYS B 10 -15.05 -0.57 22.14
CA LYS B 10 -15.08 -1.98 22.50
C LYS B 10 -16.45 -2.59 22.18
N TYR B 11 -17.52 -1.86 22.49
CA TYR B 11 -18.88 -2.37 22.30
C TYR B 11 -19.58 -1.70 21.12
N ARG B 12 -18.78 -1.32 20.13
CA ARG B 12 -19.30 -0.83 18.87
C ARG B 12 -19.86 -2.02 18.07
N PRO B 13 -21.06 -1.87 17.45
CA PRO B 13 -21.55 -2.91 16.54
C PRO B 13 -20.53 -3.31 15.45
N ARG B 14 -20.32 -4.62 15.27
CA ARG B 14 -19.38 -5.20 14.32
C ARG B 14 -20.07 -5.70 13.06
N THR B 15 -21.39 -5.86 13.14
CA THR B 15 -22.19 -6.37 12.06
C THR B 15 -23.54 -5.68 12.17
N LEU B 16 -24.33 -5.63 11.10
CA LEU B 16 -25.57 -4.87 11.09
C LEU B 16 -26.60 -5.32 12.17
N ASP B 17 -26.68 -6.61 12.49
CA ASP B 17 -27.68 -7.10 13.44
C ASP B 17 -27.40 -6.58 14.85
N GLU B 18 -26.18 -6.05 15.08
CA GLU B 18 -25.80 -5.48 16.37
C GLU B 18 -26.23 -4.05 16.56
N VAL B 19 -26.64 -3.35 15.50
CA VAL B 19 -27.23 -2.04 15.73
C VAL B 19 -28.68 -2.18 16.16
N VAL B 20 -29.09 -1.26 17.05
CA VAL B 20 -30.27 -1.39 17.86
C VAL B 20 -31.21 -0.20 17.61
N GLY B 21 -32.51 -0.46 17.64
CA GLY B 21 -33.51 0.60 17.61
C GLY B 21 -33.70 1.20 16.24
N GLN B 22 -33.20 0.52 15.21
CA GLN B 22 -33.35 1.00 13.83
C GLN B 22 -33.70 -0.15 12.87
N ASP B 23 -34.60 -1.04 13.30
CA ASP B 23 -34.86 -2.29 12.58
C ASP B 23 -35.30 -2.12 11.12
N GLU B 24 -36.08 -1.07 10.84
CA GLU B 24 -36.53 -0.77 9.48
C GLU B 24 -35.33 -0.61 8.57
N VAL B 25 -34.38 0.22 9.01
CA VAL B 25 -33.17 0.57 8.26
C VAL B 25 -32.33 -0.68 8.10
N ILE B 26 -32.06 -1.35 9.20
CA ILE B 26 -31.17 -2.50 9.22
C ILE B 26 -31.66 -3.62 8.29
N GLN B 27 -32.95 -3.89 8.29
CA GLN B 27 -33.49 -4.97 7.47
C GLN B 27 -33.26 -4.68 5.98
N ARG B 28 -33.50 -3.44 5.57
CA ARG B 28 -33.25 -3.03 4.21
C ARG B 28 -31.77 -3.09 3.85
N LEU B 29 -30.91 -2.65 4.77
CA LEU B 29 -29.47 -2.65 4.58
C LEU B 29 -28.88 -4.04 4.44
N LYS B 30 -29.44 -4.99 5.18
CA LYS B 30 -29.04 -6.38 5.06
C LYS B 30 -29.38 -6.95 3.68
N GLY B 31 -30.42 -6.42 3.05
CA GLY B 31 -30.78 -6.82 1.69
C GLY B 31 -29.64 -6.51 0.73
N TYR B 32 -29.06 -5.34 0.90
CA TYR B 32 -27.94 -4.89 0.09
C TYR B 32 -26.69 -5.73 0.27
N VAL B 33 -26.42 -6.21 1.49
CA VAL B 33 -25.25 -7.07 1.70
C VAL B 33 -25.40 -8.46 1.11
N GLU B 34 -26.63 -8.97 1.09
CA GLU B 34 -26.92 -10.20 0.37
C GLU B 34 -26.50 -10.04 -1.09
N ARG B 35 -26.88 -8.90 -1.68
CA ARG B 35 -26.60 -8.57 -3.08
C ARG B 35 -25.14 -8.18 -3.33
N LYS B 36 -24.37 -7.96 -2.25
CA LYS B 36 -22.97 -7.56 -2.33
C LYS B 36 -22.73 -6.19 -3.00
N ASN B 37 -23.75 -5.33 -2.99
CA ASN B 37 -23.66 -4.03 -3.63
C ASN B 37 -24.62 -3.07 -2.97
N ILE B 38 -24.28 -1.77 -2.98
CA ILE B 38 -25.14 -0.70 -2.48
C ILE B 38 -25.15 0.46 -3.44
N PRO B 39 -26.25 1.24 -3.49
CA PRO B 39 -26.19 2.54 -4.17
C PRO B 39 -25.53 3.57 -3.24
N HIS B 40 -25.47 4.83 -3.66
CA HIS B 40 -25.18 5.88 -2.69
C HIS B 40 -26.33 5.95 -1.68
N LEU B 41 -26.03 6.34 -0.45
CA LEU B 41 -26.96 6.25 0.68
C LEU B 41 -27.09 7.57 1.40
N LEU B 42 -28.27 7.86 1.92
CA LEU B 42 -28.50 9.05 2.73
C LEU B 42 -29.08 8.57 4.06
N PHE B 43 -28.33 8.82 5.12
CA PHE B 43 -28.71 8.43 6.47
C PHE B 43 -29.20 9.70 7.08
N SER B 44 -30.49 9.73 7.41
CA SER B 44 -31.13 10.92 7.95
C SER B 44 -31.64 10.65 9.36
N GLY B 45 -31.44 11.59 10.28
CA GLY B 45 -32.03 11.45 11.63
C GLY B 45 -31.35 12.21 12.75
N PRO B 46 -31.87 12.09 13.98
CA PRO B 46 -31.26 12.83 15.06
C PRO B 46 -29.84 12.35 15.35
N PRO B 47 -28.99 13.25 15.83
CA PRO B 47 -27.64 12.91 16.24
C PRO B 47 -27.59 11.79 17.29
N GLY B 48 -26.56 10.96 17.24
CA GLY B 48 -26.35 9.94 18.27
C GLY B 48 -27.24 8.72 18.20
N THR B 49 -28.00 8.59 17.11
CA THR B 49 -28.96 7.46 16.92
C THR B 49 -28.32 6.22 16.30
N GLY B 50 -27.12 6.38 15.76
CA GLY B 50 -26.36 5.25 15.26
C GLY B 50 -26.08 5.29 13.76
N LYS B 51 -26.09 6.47 13.14
CA LYS B 51 -25.79 6.57 11.72
C LYS B 51 -24.35 6.16 11.37
N THR B 52 -23.37 6.66 12.14
CA THR B 52 -21.98 6.29 11.97
C THR B 52 -21.77 4.82 12.27
N ALA B 53 -22.35 4.35 13.37
CA ALA B 53 -22.24 2.93 13.75
C ALA B 53 -22.77 2.02 12.65
N THR B 54 -23.90 2.38 12.05
CA THR B 54 -24.40 1.49 11.00
C THR B 54 -23.58 1.55 9.71
N ALA B 55 -23.09 2.72 9.32
CA ALA B 55 -22.14 2.82 8.21
C ALA B 55 -20.94 1.87 8.39
N ILE B 56 -20.32 1.91 9.56
CA ILE B 56 -19.20 1.02 9.88
C ILE B 56 -19.62 -0.46 9.82
N ALA B 57 -20.75 -0.81 10.44
CA ALA B 57 -21.24 -2.17 10.45
C ALA B 57 -21.51 -2.68 9.03
N LEU B 58 -22.02 -1.79 8.16
CA LEU B 58 -22.32 -2.07 6.77
C LEU B 58 -20.99 -2.35 6.04
N ALA B 59 -20.01 -1.46 6.18
CA ALA B 59 -18.64 -1.70 5.68
C ALA B 59 -18.08 -3.05 6.11
N ARG B 60 -18.20 -3.39 7.39
CA ARG B 60 -17.63 -4.65 7.86
C ARG B 60 -18.36 -5.85 7.29
N ASP B 61 -19.67 -5.74 7.10
CA ASP B 61 -20.44 -6.84 6.51
C ASP B 61 -20.09 -7.03 5.04
N LEU B 62 -19.99 -5.92 4.29
CA LEU B 62 -19.56 -5.93 2.88
C LEU B 62 -18.10 -6.37 2.63
N PHE B 63 -17.17 -5.97 3.49
CA PHE B 63 -15.72 -6.12 3.21
C PHE B 63 -14.96 -7.13 4.06
N GLY B 64 -15.58 -7.60 5.14
CA GLY B 64 -14.94 -8.60 6.00
C GLY B 64 -13.70 -8.00 6.59
N GLU B 65 -12.60 -8.75 6.59
CA GLU B 65 -11.37 -8.27 7.20
C GLU B 65 -10.54 -7.28 6.37
N ASN B 66 -11.00 -6.98 5.16
CA ASN B 66 -10.48 -5.84 4.41
C ASN B 66 -11.23 -4.53 4.61
N TRP B 67 -12.06 -4.43 5.65
CA TRP B 67 -12.95 -3.25 5.78
C TRP B 67 -12.21 -1.92 6.00
N ARG B 68 -11.14 -1.95 6.81
CA ARG B 68 -10.54 -0.71 7.29
C ARG B 68 -9.89 0.06 6.14
N ASP B 69 -9.32 -0.68 5.20
CA ASP B 69 -8.64 -0.10 4.06
C ASP B 69 -9.62 0.39 3.01
N ASN B 70 -10.87 -0.06 3.07
CA ASN B 70 -11.88 0.30 2.05
C ASN B 70 -12.99 1.22 2.54
N PHE B 71 -12.78 1.81 3.71
CA PHE B 71 -13.79 2.67 4.34
C PHE B 71 -13.10 3.87 4.97
N ILE B 72 -13.66 5.04 4.75
CA ILE B 72 -13.16 6.24 5.40
C ILE B 72 -14.32 7.11 5.89
N GLU B 73 -14.10 7.76 7.05
CA GLU B 73 -15.03 8.75 7.60
C GLU B 73 -14.47 10.15 7.41
N MET B 74 -15.33 11.07 7.01
CA MET B 74 -14.97 12.49 6.93
C MET B 74 -16.12 13.29 7.44
N ASN B 75 -15.80 14.46 7.98
CA ASN B 75 -16.83 15.43 8.31
C ASN B 75 -16.93 16.40 7.14
N ALA B 76 -18.10 16.38 6.49
CA ALA B 76 -18.38 17.19 5.33
C ALA B 76 -18.29 18.67 5.63
N SER B 77 -18.48 19.04 6.90
CA SER B 77 -18.47 20.46 7.28
C SER B 77 -17.13 20.88 7.88
N ASP B 78 -16.05 20.50 7.20
CA ASP B 78 -14.71 20.99 7.53
C ASP B 78 -14.63 22.48 7.24
N GLU B 79 -14.02 23.22 8.17
CA GLU B 79 -13.97 24.68 8.09
C GLU B 79 -13.13 25.21 6.93
N ARG B 80 -12.19 24.40 6.46
CA ARG B 80 -11.40 24.72 5.27
C ARG B 80 -12.26 24.78 3.98
N GLY B 81 -13.42 24.15 4.00
CA GLY B 81 -14.39 24.28 2.92
C GLY B 81 -14.49 23.05 2.06
N ILE B 82 -15.59 22.96 1.31
CA ILE B 82 -15.91 21.80 0.47
C ILE B 82 -14.80 21.36 -0.52
N ASP B 83 -13.95 22.30 -0.93
CA ASP B 83 -12.83 21.97 -1.80
C ASP B 83 -11.80 21.03 -1.14
N VAL B 84 -11.51 21.27 0.13
CA VAL B 84 -10.57 20.44 0.87
C VAL B 84 -11.14 19.03 1.06
N VAL B 85 -12.42 18.95 1.40
CA VAL B 85 -13.14 17.70 1.55
C VAL B 85 -13.09 16.94 0.23
N ARG B 86 -13.34 17.67 -0.84
CA ARG B 86 -13.33 17.17 -2.20
C ARG B 86 -11.95 16.64 -2.57
N HIS B 87 -10.91 17.33 -2.12
CA HIS B 87 -9.56 16.85 -2.32
C HIS B 87 -9.30 15.56 -1.55
N LYS B 88 -9.76 15.50 -0.30
CA LYS B 88 -9.57 14.29 0.50
C LYS B 88 -10.28 13.10 -0.14
N ILE B 89 -11.48 13.31 -0.66
CA ILE B 89 -12.19 12.27 -1.41
C ILE B 89 -11.35 11.78 -2.61
N LYS B 90 -10.93 12.71 -3.47
CA LYS B 90 -10.05 12.41 -4.61
C LYS B 90 -8.82 11.58 -4.22
N GLU B 91 -8.13 11.96 -3.14
CA GLU B 91 -6.97 11.20 -2.68
C GLU B 91 -7.30 9.78 -2.20
N PHE B 92 -8.48 9.60 -1.61
CA PHE B 92 -8.86 8.31 -1.08
C PHE B 92 -9.24 7.41 -2.25
N ALA B 93 -9.86 8.02 -3.25
CA ALA B 93 -10.42 7.28 -4.37
C ALA B 93 -9.41 7.02 -5.50
N ARG B 94 -8.20 7.54 -5.38
CA ARG B 94 -7.25 7.41 -6.49
C ARG B 94 -6.48 6.09 -6.49
N THR B 95 -6.67 5.29 -5.45
CA THR B 95 -6.20 3.90 -5.47
C THR B 95 -7.40 2.95 -5.55
N ALA B 96 -7.14 1.76 -6.09
CA ALA B 96 -8.17 0.75 -6.29
C ALA B 96 -8.62 0.20 -4.94
N PRO B 97 -9.86 -0.31 -4.87
CA PRO B 97 -10.20 -1.01 -3.63
C PRO B 97 -9.12 -2.03 -3.28
N ILE B 98 -9.02 -2.37 -2.00
CA ILE B 98 -7.91 -3.17 -1.53
C ILE B 98 -8.45 -4.57 -1.26
N GLY B 99 -7.62 -5.57 -1.53
CA GLY B 99 -7.92 -6.94 -1.15
C GLY B 99 -9.07 -7.63 -1.86
N GLY B 100 -9.50 -7.07 -2.99
CA GLY B 100 -10.55 -7.68 -3.79
C GLY B 100 -11.94 -7.12 -3.54
N ALA B 101 -12.01 -6.05 -2.74
CA ALA B 101 -13.27 -5.36 -2.50
C ALA B 101 -13.83 -4.80 -3.81
N PRO B 102 -15.16 -4.85 -4.01
CA PRO B 102 -15.71 -4.34 -5.26
C PRO B 102 -15.66 -2.82 -5.39
N PHE B 103 -15.61 -2.13 -4.25
CA PHE B 103 -15.57 -0.67 -4.23
C PHE B 103 -15.07 -0.19 -2.86
N LYS B 104 -14.93 1.12 -2.72
CA LYS B 104 -14.58 1.76 -1.44
C LYS B 104 -15.78 2.55 -0.97
N ILE B 105 -15.94 2.70 0.35
CA ILE B 105 -17.04 3.50 0.91
C ILE B 105 -16.51 4.77 1.57
N ILE B 106 -17.15 5.89 1.25
CA ILE B 106 -16.87 7.15 1.90
C ILE B 106 -18.09 7.60 2.73
N PHE B 107 -17.88 7.73 4.04
CA PHE B 107 -18.91 8.26 4.93
C PHE B 107 -18.68 9.74 5.19
N LEU B 108 -19.62 10.59 4.76
CA LEU B 108 -19.51 12.02 5.04
C LEU B 108 -20.55 12.44 6.02
N ASP B 109 -20.08 12.74 7.23
CA ASP B 109 -20.94 13.14 8.33
C ASP B 109 -21.33 14.61 8.18
N GLU B 110 -22.53 14.96 8.64
CA GLU B 110 -23.03 16.34 8.61
C GLU B 110 -23.02 16.96 7.21
N ALA B 111 -23.51 16.21 6.23
CA ALA B 111 -23.53 16.72 4.88
C ALA B 111 -24.48 17.91 4.77
N ASP B 112 -25.51 17.96 5.62
CA ASP B 112 -26.48 19.04 5.59
C ASP B 112 -25.99 20.38 6.18
N ALA B 113 -24.76 20.40 6.67
CA ALA B 113 -24.15 21.65 7.12
C ALA B 113 -23.58 22.43 5.95
N LEU B 114 -23.53 21.79 4.78
CA LEU B 114 -23.05 22.43 3.57
C LEU B 114 -24.11 23.35 2.96
N THR B 115 -23.64 24.42 2.31
CA THR B 115 -24.50 25.33 1.55
C THR B 115 -24.94 24.61 0.28
N ALA B 116 -26.02 25.08 -0.34
CA ALA B 116 -26.52 24.51 -1.59
C ALA B 116 -25.46 24.51 -2.70
N ASP B 117 -24.64 25.56 -2.72
CA ASP B 117 -23.45 25.66 -3.59
C ASP B 117 -22.55 24.44 -3.37
N ALA B 118 -21.97 24.37 -2.17
CA ALA B 118 -21.10 23.28 -1.75
C ALA B 118 -21.64 21.89 -2.08
N GLN B 119 -22.96 21.72 -1.96
CA GLN B 119 -23.62 20.45 -2.25
C GLN B 119 -23.66 20.10 -3.74
N ALA B 120 -23.67 21.14 -4.59
CA ALA B 120 -23.60 20.95 -6.03
C ALA B 120 -22.19 20.51 -6.43
N ALA B 121 -21.18 21.13 -5.80
CA ALA B 121 -19.78 20.73 -5.96
C ALA B 121 -19.58 19.27 -5.55
N LEU B 122 -19.93 18.93 -4.30
CA LEU B 122 -19.90 17.55 -3.82
C LEU B 122 -20.59 16.58 -4.77
N ARG B 123 -21.74 16.96 -5.31
CA ARG B 123 -22.47 16.11 -6.25
C ARG B 123 -21.66 15.74 -7.49
N ARG B 124 -20.74 16.62 -7.89
CA ARG B 124 -19.89 16.40 -9.05
C ARG B 124 -18.92 15.27 -8.73
N THR B 125 -18.29 15.38 -7.56
CA THR B 125 -17.38 14.35 -7.05
C THR B 125 -18.07 12.99 -6.88
N MET B 126 -19.29 13.02 -6.37
CA MET B 126 -20.08 11.80 -6.24
C MET B 126 -20.28 11.11 -7.60
N GLU B 127 -20.55 11.92 -8.64
CA GLU B 127 -20.68 11.41 -10.02
C GLU B 127 -19.34 10.91 -10.55
N MET B 128 -18.29 11.70 -10.32
CA MET B 128 -16.95 11.36 -10.75
C MET B 128 -16.53 9.93 -10.36
N TYR B 129 -16.82 9.52 -9.12
CA TYR B 129 -16.31 8.26 -8.58
C TYR B 129 -17.31 7.13 -8.42
N SER B 130 -18.54 7.32 -8.91
CA SER B 130 -19.64 6.36 -8.70
C SER B 130 -19.36 4.90 -9.09
N LYS B 131 -18.44 4.68 -10.01
CA LYS B 131 -18.09 3.31 -10.40
C LYS B 131 -17.20 2.64 -9.34
N SER B 132 -16.39 3.44 -8.64
CA SER B 132 -15.34 2.91 -7.75
C SER B 132 -15.57 3.15 -6.25
N CYS B 133 -16.36 4.18 -5.91
CA CYS B 133 -16.70 4.49 -4.51
C CYS B 133 -18.18 4.62 -4.33
N ARG B 134 -18.64 4.23 -3.15
CA ARG B 134 -20.00 4.53 -2.72
C ARG B 134 -19.97 5.55 -1.59
N PHE B 135 -20.89 6.49 -1.66
CA PHE B 135 -21.01 7.55 -0.67
C PHE B 135 -22.17 7.27 0.26
N ILE B 136 -21.89 7.44 1.55
CA ILE B 136 -22.94 7.41 2.55
C ILE B 136 -22.88 8.79 3.14
N LEU B 137 -23.95 9.56 2.96
CA LEU B 137 -24.04 10.90 3.51
C LEU B 137 -24.93 10.85 4.72
N SER B 138 -24.54 11.60 5.74
CA SER B 138 -25.34 11.63 6.95
C SER B 138 -25.85 13.04 7.16
N CYS B 139 -27.12 13.15 7.54
CA CYS B 139 -27.78 14.44 7.74
C CYS B 139 -28.81 14.36 8.86
N ASN B 140 -29.21 15.51 9.41
CA ASN B 140 -30.28 15.55 10.40
C ASN B 140 -31.68 15.62 9.75
N TYR B 141 -31.81 16.39 8.67
CA TYR B 141 -33.03 16.37 7.85
C TYR B 141 -32.74 16.29 6.37
N VAL B 142 -33.51 15.45 5.69
CA VAL B 142 -33.43 15.28 4.24
C VAL B 142 -33.72 16.59 3.51
N SER B 143 -34.68 17.36 4.02
CA SER B 143 -35.05 18.64 3.45
C SER B 143 -33.87 19.64 3.33
N ARG B 144 -32.81 19.40 4.11
CA ARG B 144 -31.62 20.24 4.10
C ARG B 144 -30.58 19.76 3.06
N ILE B 145 -30.98 18.80 2.22
CA ILE B 145 -30.08 18.21 1.22
C ILE B 145 -30.67 18.52 -0.16
N ILE B 146 -29.86 19.12 -1.03
CA ILE B 146 -30.32 19.51 -2.38
C ILE B 146 -30.88 18.31 -3.12
N GLU B 147 -31.86 18.57 -4.00
CA GLU B 147 -32.55 17.51 -4.73
C GLU B 147 -31.65 16.62 -5.62
N PRO B 148 -30.70 17.23 -6.38
CA PRO B 148 -29.77 16.43 -7.18
C PRO B 148 -29.09 15.29 -6.41
N ILE B 149 -28.62 15.55 -5.19
CA ILE B 149 -28.05 14.52 -4.31
C ILE B 149 -29.10 13.50 -3.87
N GLN B 150 -30.23 13.97 -3.34
CA GLN B 150 -31.28 13.08 -2.83
C GLN B 150 -31.69 12.08 -3.87
N SER B 151 -31.93 12.54 -5.10
CA SER B 151 -32.41 11.69 -6.18
C SER B 151 -31.40 10.58 -6.51
N ARG B 152 -30.15 10.82 -6.16
CA ARG B 152 -29.08 9.87 -6.43
C ARG B 152 -28.82 8.87 -5.30
N CYS B 153 -29.57 8.99 -4.20
CA CYS B 153 -29.37 8.16 -3.02
C CYS B 153 -30.57 7.33 -2.68
N ALA B 154 -30.34 6.17 -2.07
CA ALA B 154 -31.36 5.49 -1.30
C ALA B 154 -31.42 6.13 0.10
N VAL B 155 -32.62 6.42 0.59
CA VAL B 155 -32.81 7.20 1.83
C VAL B 155 -33.17 6.31 3.02
N PHE B 156 -32.50 6.53 4.16
CA PHE B 156 -32.70 5.70 5.36
C PHE B 156 -32.94 6.63 6.54
N ARG B 157 -34.09 6.52 7.18
CA ARG B 157 -34.49 7.47 8.23
C ARG B 157 -34.30 6.84 9.60
N PHE B 158 -33.40 7.42 10.39
CA PHE B 158 -33.10 6.96 11.74
C PHE B 158 -34.00 7.67 12.73
N LYS B 159 -34.46 6.89 13.72
CA LYS B 159 -35.44 7.32 14.71
C LYS B 159 -34.77 7.41 16.09
N PRO B 160 -35.31 8.25 16.99
CA PRO B 160 -34.77 8.26 18.35
C PRO B 160 -34.75 6.83 18.86
N VAL B 161 -33.67 6.41 19.52
CA VAL B 161 -33.68 5.07 20.11
C VAL B 161 -34.53 5.06 21.39
N PRO B 162 -35.46 4.11 21.49
CA PRO B 162 -36.37 4.12 22.63
C PRO B 162 -35.66 3.63 23.87
N LYS B 163 -36.12 4.10 25.03
CA LYS B 163 -35.56 3.77 26.34
C LYS B 163 -35.25 2.28 26.52
N GLU B 164 -36.18 1.45 26.10
CA GLU B 164 -36.13 0.01 26.36
C GLU B 164 -34.93 -0.60 25.66
N ALA B 165 -34.68 -0.14 24.45
CA ALA B 165 -33.59 -0.61 23.62
C ALA B 165 -32.22 -0.18 24.17
N MET B 166 -32.13 1.06 24.66
CA MET B 166 -30.87 1.47 25.29
C MET B 166 -30.58 0.61 26.50
N LYS B 167 -31.59 0.49 27.36
CA LYS B 167 -31.50 -0.32 28.56
C LYS B 167 -31.05 -1.77 28.29
N LYS B 168 -31.64 -2.42 27.28
CA LYS B 168 -31.28 -3.81 26.97
C LYS B 168 -29.78 -3.91 26.59
N ARG B 169 -29.31 -2.98 25.76
CA ARG B 169 -27.90 -2.98 25.36
C ARG B 169 -26.90 -2.61 26.48
N LEU B 170 -27.25 -1.60 27.28
CA LEU B 170 -26.45 -1.21 28.44
C LEU B 170 -26.28 -2.36 29.40
N LEU B 171 -27.36 -3.11 29.63
CA LEU B 171 -27.30 -4.34 30.42
C LEU B 171 -26.41 -5.44 29.84
N GLU B 172 -26.42 -5.63 28.52
CA GLU B 172 -25.49 -6.57 27.82
C GLU B 172 -24.02 -6.21 28.05
N ILE B 173 -23.72 -4.91 28.00
CA ILE B 173 -22.37 -4.43 28.29
C ILE B 173 -22.01 -4.69 29.75
N CYS B 174 -22.94 -4.43 30.66
CA CYS B 174 -22.71 -4.73 32.09
C CYS B 174 -22.33 -6.19 32.32
N GLU B 175 -23.04 -7.09 31.64
CA GLU B 175 -22.79 -8.51 31.73
C GLU B 175 -21.39 -8.87 31.28
N LYS B 176 -20.98 -8.37 30.11
CA LYS B 176 -19.63 -8.60 29.59
C LYS B 176 -18.51 -8.08 30.52
N GLU B 177 -18.79 -7.00 31.23
CA GLU B 177 -17.79 -6.34 32.05
C GLU B 177 -17.90 -6.70 33.53
N GLY B 178 -18.87 -7.58 33.83
CA GLY B 178 -19.11 -8.03 35.19
C GLY B 178 -19.49 -6.87 36.08
N VAL B 179 -20.26 -5.93 35.54
CA VAL B 179 -20.74 -4.82 36.33
C VAL B 179 -22.13 -5.18 36.86
N LYS B 180 -22.35 -4.94 38.15
CA LYS B 180 -23.68 -5.08 38.72
C LYS B 180 -24.25 -3.67 38.86
N ILE B 181 -25.46 -3.49 38.35
CA ILE B 181 -26.09 -2.20 38.43
C ILE B 181 -27.41 -2.33 39.19
N THR B 182 -27.65 -1.44 40.15
CA THR B 182 -28.95 -1.42 40.79
C THR B 182 -29.97 -0.86 39.81
N GLU B 183 -31.25 -1.07 40.09
CA GLU B 183 -32.31 -0.52 39.26
C GLU B 183 -32.32 1.01 39.26
N ASP B 184 -32.05 1.63 40.42
CA ASP B 184 -31.89 3.09 40.54
C ASP B 184 -30.68 3.58 39.74
N GLY B 185 -29.59 2.82 39.76
CA GLY B 185 -28.41 3.13 39.00
C GLY B 185 -28.73 3.13 37.51
N LEU B 186 -29.48 2.14 37.08
CA LEU B 186 -29.86 2.00 35.69
C LEU B 186 -30.76 3.14 35.27
N GLU B 187 -31.68 3.52 36.15
CA GLU B 187 -32.63 4.57 35.78
C GLU B 187 -31.92 5.91 35.69
N ALA B 188 -30.97 6.11 36.59
CA ALA B 188 -30.16 7.31 36.62
C ALA B 188 -29.31 7.40 35.37
N LEU B 189 -28.76 6.26 34.94
CA LEU B 189 -27.97 6.20 33.72
C LEU B 189 -28.78 6.52 32.47
N ILE B 190 -30.00 6.01 32.40
CA ILE B 190 -30.86 6.27 31.24
C ILE B 190 -31.28 7.75 31.16
N TYR B 191 -31.67 8.32 32.30
CA TYR B 191 -31.96 9.72 32.51
C TYR B 191 -30.82 10.60 32.00
N ILE B 192 -29.61 10.32 32.45
CA ILE B 192 -28.40 11.02 32.03
C ILE B 192 -28.10 10.96 30.55
N SER B 193 -28.45 9.85 29.92
CA SER B 193 -28.02 9.60 28.54
C SER B 193 -28.61 10.59 27.56
N GLY B 194 -29.79 11.10 27.87
CA GLY B 194 -30.47 12.00 26.92
C GLY B 194 -30.80 11.32 25.61
N GLY B 195 -30.81 9.99 25.62
CA GLY B 195 -31.09 9.19 24.43
C GLY B 195 -29.87 8.97 23.55
N ASP B 196 -28.69 9.30 24.09
CA ASP B 196 -27.41 9.19 23.37
C ASP B 196 -26.60 8.02 23.93
N PHE B 197 -26.44 6.96 23.13
CA PHE B 197 -25.66 5.80 23.54
C PHE B 197 -24.24 6.14 23.99
N ARG B 198 -23.59 7.04 23.26
CA ARG B 198 -22.21 7.41 23.52
C ARG B 198 -22.05 7.99 24.92
N LYS B 199 -22.87 8.98 25.28
CA LYS B 199 -22.84 9.57 26.62
C LYS B 199 -23.10 8.48 27.69
N ALA B 200 -24.12 7.66 27.48
CA ALA B 200 -24.45 6.59 28.45
C ALA B 200 -23.32 5.56 28.66
N ILE B 201 -22.66 5.15 27.58
CA ILE B 201 -21.59 4.11 27.66
C ILE B 201 -20.31 4.71 28.26
N ASN B 202 -20.04 5.97 27.91
CA ASN B 202 -18.94 6.69 28.57
C ASN B 202 -19.13 6.74 30.08
N ALA B 203 -20.34 7.09 30.51
CA ALA B 203 -20.62 7.20 31.97
C ALA B 203 -20.62 5.84 32.63
N LEU B 204 -21.19 4.84 31.96
CA LEU B 204 -21.17 3.50 32.51
C LEU B 204 -19.72 3.04 32.77
N GLN B 205 -18.83 3.24 31.80
CA GLN B 205 -17.43 2.85 31.98
C GLN B 205 -16.75 3.59 33.16
N GLY B 206 -17.08 4.87 33.33
CA GLY B 206 -16.55 5.67 34.44
C GLY B 206 -17.05 5.14 35.76
N ALA B 207 -18.34 4.84 35.82
CA ALA B 207 -18.97 4.33 37.03
C ALA B 207 -18.40 2.95 37.39
N ALA B 208 -18.30 2.08 36.39
CA ALA B 208 -17.70 0.75 36.58
C ALA B 208 -16.26 0.81 37.12
N ALA B 209 -15.50 1.83 36.74
CA ALA B 209 -14.14 2.04 37.24
C ALA B 209 -14.04 2.30 38.73
N ILE B 210 -15.13 2.72 39.37
CA ILE B 210 -15.05 3.11 40.78
C ILE B 210 -15.82 2.21 41.74
N GLY B 211 -16.56 1.25 41.21
CA GLY B 211 -17.12 0.17 42.05
C GLY B 211 -17.75 -0.97 41.26
N GLU B 212 -17.81 -2.16 41.87
CA GLU B 212 -18.52 -3.30 41.24
C GLU B 212 -20.04 -3.08 41.15
N VAL B 213 -20.64 -2.51 42.21
CA VAL B 213 -22.06 -2.17 42.18
C VAL B 213 -22.22 -0.70 41.85
N VAL B 214 -22.93 -0.44 40.76
CA VAL B 214 -23.17 0.91 40.26
C VAL B 214 -24.60 1.28 40.66
N ASP B 215 -24.75 2.38 41.40
CA ASP B 215 -26.07 2.87 41.83
C ASP B 215 -26.28 4.31 41.38
N ALA B 216 -27.41 4.92 41.71
CA ALA B 216 -27.70 6.30 41.26
C ALA B 216 -26.62 7.30 41.69
N ASP B 217 -26.17 7.17 42.93
CA ASP B 217 -25.11 8.00 43.50
C ASP B 217 -23.86 7.96 42.67
N THR B 218 -23.46 6.77 42.25
CA THR B 218 -22.25 6.67 41.45
C THR B 218 -22.40 7.28 40.04
N ILE B 219 -23.59 7.17 39.43
CA ILE B 219 -23.85 7.86 38.16
C ILE B 219 -23.75 9.39 38.30
N TYR B 220 -24.43 9.97 39.30
CA TYR B 220 -24.34 11.40 39.57
C TYR B 220 -22.91 11.78 39.92
N GLN B 221 -22.14 10.87 40.51
CA GLN B 221 -20.74 11.18 40.79
C GLN B 221 -19.87 11.26 39.54
N ILE B 222 -20.04 10.30 38.62
CA ILE B 222 -19.29 10.31 37.36
C ILE B 222 -19.67 11.54 36.53
N THR B 223 -20.95 11.88 36.58
CA THR B 223 -21.51 12.91 35.75
C THR B 223 -21.05 14.31 36.28
N ALA B 224 -20.93 14.46 37.59
CA ALA B 224 -20.37 15.68 38.20
C ALA B 224 -18.92 15.97 37.78
N THR B 225 -18.19 14.91 37.41
CA THR B 225 -16.75 14.92 37.20
C THR B 225 -16.42 14.31 35.83
N PHE C 4 -5.88 -28.01 -17.50
CA PHE C 4 -4.46 -28.02 -17.04
C PHE C 4 -4.35 -27.92 -15.51
N GLU C 5 -3.46 -28.73 -14.93
CA GLU C 5 -3.45 -28.99 -13.48
C GLU C 5 -2.20 -29.80 -13.17
N ILE C 6 -1.37 -29.34 -12.24
CA ILE C 6 -0.19 -30.09 -11.86
C ILE C 6 -0.24 -30.55 -10.42
N TRP C 7 -0.02 -31.85 -10.24
CA TRP C 7 -0.21 -32.52 -8.96
C TRP C 7 0.73 -31.98 -7.93
N VAL C 8 1.85 -31.44 -8.39
CA VAL C 8 2.83 -30.77 -7.54
C VAL C 8 2.21 -29.56 -6.82
N GLU C 9 1.14 -28.99 -7.39
CA GLU C 9 0.46 -27.85 -6.79
C GLU C 9 -0.84 -28.31 -6.16
N LYS C 10 -1.48 -29.29 -6.78
CA LYS C 10 -2.70 -29.91 -6.23
C LYS C 10 -2.44 -30.61 -4.88
N TYR C 11 -1.24 -31.17 -4.72
CA TYR C 11 -0.86 -31.90 -3.51
C TYR C 11 0.28 -31.22 -2.79
N ARG C 12 0.33 -29.89 -2.92
CA ARG C 12 1.18 -29.02 -2.12
C ARG C 12 0.57 -28.86 -0.71
N PRO C 13 1.38 -29.06 0.35
CA PRO C 13 0.97 -28.73 1.72
C PRO C 13 0.25 -27.36 1.87
N ARG C 14 -0.86 -27.37 2.60
CA ARG C 14 -1.75 -26.23 2.78
C ARG C 14 -1.61 -25.66 4.18
N THR C 15 -0.97 -26.46 5.03
CA THR C 15 -0.74 -26.15 6.43
C THR C 15 0.52 -26.89 6.87
N LEU C 16 1.13 -26.41 7.95
CA LEU C 16 2.39 -26.95 8.43
C LEU C 16 2.41 -28.47 8.61
N ASP C 17 1.32 -29.04 9.14
CA ASP C 17 1.25 -30.49 9.41
C ASP C 17 1.32 -31.34 8.17
N GLU C 18 1.06 -30.73 7.02
CA GLU C 18 1.08 -31.46 5.76
C GLU C 18 2.47 -31.54 5.15
N VAL C 19 3.45 -30.82 5.69
CA VAL C 19 4.81 -31.10 5.26
C VAL C 19 5.42 -32.29 6.02
N VAL C 20 6.03 -33.17 5.24
CA VAL C 20 6.40 -34.49 5.68
C VAL C 20 7.94 -34.60 5.69
N GLY C 21 8.49 -35.37 6.62
CA GLY C 21 9.93 -35.62 6.67
C GLY C 21 10.76 -34.58 7.39
N GLN C 22 10.11 -33.57 7.97
CA GLN C 22 10.82 -32.46 8.58
C GLN C 22 10.32 -32.12 9.98
N ASP C 23 10.04 -33.15 10.78
CA ASP C 23 9.33 -32.95 12.05
C ASP C 23 9.96 -31.93 12.96
N GLU C 24 11.27 -32.04 13.19
CA GLU C 24 12.01 -31.09 14.04
C GLU C 24 11.72 -29.64 13.65
N VAL C 25 11.72 -29.37 12.34
CA VAL C 25 11.45 -28.03 11.82
C VAL C 25 9.97 -27.66 12.01
N ILE C 26 9.09 -28.59 11.64
CA ILE C 26 7.63 -28.37 11.70
C ILE C 26 7.16 -28.08 13.13
N GLN C 27 7.59 -28.89 14.09
CA GLN C 27 7.24 -28.68 15.49
C GLN C 27 7.61 -27.27 15.97
N ARG C 28 8.83 -26.85 15.66
CA ARG C 28 9.33 -25.55 16.10
C ARG C 28 8.60 -24.41 15.44
N LEU C 29 8.11 -24.65 14.24
CA LEU C 29 7.49 -23.62 13.42
C LEU C 29 6.05 -23.40 13.86
N LYS C 30 5.36 -24.48 14.19
CA LYS C 30 3.99 -24.40 14.74
C LYS C 30 3.85 -23.51 15.98
N GLY C 31 4.89 -23.49 16.82
CA GLY C 31 4.93 -22.66 18.00
C GLY C 31 4.89 -21.18 17.70
N TYR C 32 5.29 -20.81 16.49
CA TYR C 32 5.32 -19.42 16.06
C TYR C 32 3.95 -18.95 15.57
N VAL C 33 3.20 -19.86 14.95
CA VAL C 33 1.84 -19.55 14.49
C VAL C 33 0.89 -19.32 15.66
N GLU C 34 1.15 -20.00 16.78
CA GLU C 34 0.44 -19.70 18.03
C GLU C 34 0.66 -18.25 18.42
N ARG C 35 1.94 -17.85 18.51
CA ARG C 35 2.29 -16.46 18.82
C ARG C 35 1.96 -15.47 17.70
N LYS C 36 1.47 -15.98 16.57
CA LYS C 36 1.11 -15.14 15.40
C LYS C 36 2.23 -14.19 14.94
N ASN C 37 3.48 -14.60 15.15
CA ASN C 37 4.64 -13.76 14.85
C ASN C 37 5.90 -14.62 14.68
N ILE C 38 6.72 -14.26 13.69
CA ILE C 38 7.95 -14.99 13.41
C ILE C 38 9.14 -14.05 13.37
N PRO C 39 10.32 -14.58 13.74
CA PRO C 39 11.54 -13.84 13.48
C PRO C 39 11.86 -14.01 12.00
N HIS C 40 12.93 -13.39 11.50
CA HIS C 40 13.41 -13.76 10.19
C HIS C 40 13.90 -15.20 10.27
N LEU C 41 13.75 -15.92 9.16
CA LEU C 41 14.04 -17.34 9.14
C LEU C 41 15.10 -17.67 8.09
N LEU C 42 15.92 -18.66 8.41
CA LEU C 42 16.95 -19.16 7.52
C LEU C 42 16.72 -20.65 7.37
N PHE C 43 16.29 -21.07 6.19
CA PHE C 43 15.97 -22.47 5.90
C PHE C 43 17.17 -23.09 5.22
N SER C 44 17.78 -24.07 5.87
CA SER C 44 19.04 -24.63 5.37
C SER C 44 18.89 -26.11 5.08
N GLY C 45 19.50 -26.59 4.00
CA GLY C 45 19.42 -28.01 3.71
C GLY C 45 19.41 -28.33 2.23
N PRO C 46 19.41 -29.64 1.91
CA PRO C 46 19.58 -30.05 0.52
C PRO C 46 18.44 -29.52 -0.36
N PRO C 47 18.65 -29.48 -1.68
CA PRO C 47 17.57 -29.04 -2.56
C PRO C 47 16.41 -30.02 -2.59
N GLY C 48 15.20 -29.50 -2.63
CA GLY C 48 14.02 -30.33 -2.89
C GLY C 48 13.46 -31.08 -1.69
N THR C 49 13.93 -30.72 -0.49
CA THR C 49 13.49 -31.35 0.78
C THR C 49 12.24 -30.70 1.37
N GLY C 50 11.80 -29.60 0.74
CA GLY C 50 10.56 -28.97 1.09
C GLY C 50 10.61 -27.57 1.68
N LYS C 51 11.72 -26.84 1.47
CA LYS C 51 11.89 -25.51 2.08
C LYS C 51 10.83 -24.49 1.62
N THR C 52 10.61 -24.41 0.31
CA THR C 52 9.57 -23.55 -0.26
C THR C 52 8.19 -23.98 0.19
N ALA C 53 7.90 -25.28 0.11
CA ALA C 53 6.63 -25.84 0.59
C ALA C 53 6.35 -25.46 2.04
N THR C 54 7.34 -25.57 2.92
CA THR C 54 7.07 -25.20 4.31
C THR C 54 6.90 -23.69 4.50
N ALA C 55 7.56 -22.89 3.67
CA ALA C 55 7.41 -21.44 3.69
C ALA C 55 5.99 -21.03 3.29
N ILE C 56 5.45 -21.72 2.30
CA ILE C 56 4.08 -21.46 1.85
C ILE C 56 3.07 -21.93 2.91
N ALA C 57 3.32 -23.12 3.45
CA ALA C 57 2.48 -23.70 4.49
C ALA C 57 2.44 -22.77 5.68
N LEU C 58 3.62 -22.30 6.07
CA LEU C 58 3.76 -21.37 7.16
C LEU C 58 2.99 -20.07 6.91
N ALA C 59 3.06 -19.54 5.68
CA ALA C 59 2.36 -18.31 5.34
C ALA C 59 0.85 -18.48 5.39
N ARG C 60 0.38 -19.64 4.98
CA ARG C 60 -1.05 -19.93 5.02
C ARG C 60 -1.54 -20.07 6.46
N ASP C 61 -0.77 -20.76 7.31
CA ASP C 61 -1.10 -20.86 8.73
C ASP C 61 -1.14 -19.50 9.43
N LEU C 62 -0.21 -18.61 9.10
CA LEU C 62 -0.18 -17.28 9.67
C LEU C 62 -1.27 -16.32 9.17
N PHE C 63 -1.65 -16.43 7.91
CA PHE C 63 -2.43 -15.39 7.24
C PHE C 63 -3.83 -15.79 6.85
N GLY C 64 -4.11 -17.09 6.78
CA GLY C 64 -5.42 -17.56 6.29
C GLY C 64 -5.59 -17.45 4.78
N GLU C 65 -6.81 -17.23 4.32
CA GLU C 65 -7.11 -17.17 2.88
C GLU C 65 -6.52 -15.96 2.13
N ASN C 66 -6.19 -14.90 2.86
CA ASN C 66 -5.58 -13.71 2.27
C ASN C 66 -4.07 -13.86 2.08
N TRP C 67 -3.56 -15.09 2.14
CA TRP C 67 -2.11 -15.28 2.28
C TRP C 67 -1.31 -14.78 1.09
N ARG C 68 -1.85 -14.97 -0.12
CA ARG C 68 -1.17 -14.61 -1.34
C ARG C 68 -0.91 -13.13 -1.46
N ASP C 69 -1.81 -12.31 -0.91
CA ASP C 69 -1.56 -10.87 -0.89
C ASP C 69 -0.38 -10.50 0.00
N ASN C 70 0.00 -11.37 0.92
CA ASN C 70 0.99 -11.00 1.94
C ASN C 70 2.30 -11.81 1.86
N PHE C 71 2.45 -12.56 0.78
CA PHE C 71 3.58 -13.45 0.58
C PHE C 71 4.12 -13.32 -0.85
N ILE C 72 5.43 -13.25 -0.98
CA ILE C 72 6.06 -13.32 -2.29
C ILE C 72 7.25 -14.27 -2.26
N GLU C 73 7.51 -14.92 -3.38
CA GLU C 73 8.73 -15.71 -3.55
C GLU C 73 9.59 -15.04 -4.61
N MET C 74 10.89 -15.04 -4.39
CA MET C 74 11.82 -14.67 -5.46
C MET C 74 13.16 -15.39 -5.31
N ASN C 75 13.90 -15.45 -6.41
CA ASN C 75 15.23 -16.02 -6.35
C ASN C 75 16.23 -14.91 -6.04
N ALA C 76 17.00 -15.10 -4.97
CA ALA C 76 17.94 -14.09 -4.50
C ALA C 76 19.12 -13.89 -5.45
N SER C 77 19.31 -14.83 -6.37
CA SER C 77 20.49 -14.83 -7.23
C SER C 77 20.19 -14.50 -8.69
N ASP C 78 19.24 -13.60 -8.93
CA ASP C 78 18.99 -13.01 -10.25
C ASP C 78 20.29 -12.56 -10.92
N GLU C 79 20.48 -12.90 -12.20
CA GLU C 79 21.74 -12.52 -12.89
C GLU C 79 21.87 -11.03 -13.21
N ARG C 80 20.78 -10.26 -13.12
CA ARG C 80 20.84 -8.80 -13.34
C ARG C 80 21.48 -8.03 -12.18
N GLY C 81 21.66 -8.68 -11.03
CA GLY C 81 22.32 -8.04 -9.89
C GLY C 81 21.45 -7.95 -8.66
N ILE C 82 22.08 -7.90 -7.48
CA ILE C 82 21.35 -7.87 -6.21
C ILE C 82 20.37 -6.69 -6.09
N ASP C 83 20.60 -5.65 -6.88
CA ASP C 83 19.79 -4.43 -6.82
C ASP C 83 18.41 -4.66 -7.39
N VAL C 84 18.34 -5.55 -8.38
CA VAL C 84 17.08 -5.93 -8.94
C VAL C 84 16.25 -6.62 -7.86
N VAL C 85 16.89 -7.50 -7.07
CA VAL C 85 16.18 -8.22 -6.03
C VAL C 85 15.68 -7.22 -5.00
N ARG C 86 16.58 -6.36 -4.55
CA ARG C 86 16.28 -5.27 -3.63
C ARG C 86 15.09 -4.41 -4.04
N HIS C 87 15.03 -4.01 -5.31
CA HIS C 87 13.91 -3.23 -5.80
C HIS C 87 12.57 -4.00 -5.77
N LYS C 88 12.60 -5.27 -6.16
CA LYS C 88 11.43 -6.13 -6.09
C LYS C 88 10.90 -6.22 -4.66
N ILE C 89 11.80 -6.23 -3.68
CA ILE C 89 11.41 -6.28 -2.26
C ILE C 89 10.71 -4.98 -1.91
N LYS C 90 11.33 -3.88 -2.28
CA LYS C 90 10.84 -2.53 -2.06
C LYS C 90 9.44 -2.35 -2.67
N GLU C 91 9.26 -2.75 -3.92
CA GLU C 91 7.94 -2.69 -4.58
C GLU C 91 6.88 -3.51 -3.87
N PHE C 92 7.28 -4.64 -3.30
CA PHE C 92 6.31 -5.55 -2.73
C PHE C 92 5.81 -5.01 -1.40
N ALA C 93 6.74 -4.40 -0.66
CA ALA C 93 6.47 -3.86 0.66
C ALA C 93 6.09 -2.38 0.59
N ARG C 94 5.87 -1.85 -0.62
CA ARG C 94 5.33 -0.51 -0.85
C ARG C 94 3.98 -0.33 -0.17
N THR C 95 3.24 -1.44 -0.05
CA THR C 95 1.91 -1.41 0.54
C THR C 95 1.88 -2.09 1.91
N ALA C 96 0.91 -1.70 2.74
CA ALA C 96 0.68 -2.36 4.01
C ALA C 96 0.15 -3.79 3.75
N PRO C 97 0.25 -4.69 4.74
CA PRO C 97 -0.40 -5.99 4.60
C PRO C 97 -1.93 -5.87 4.45
N ILE C 98 -2.52 -6.84 3.76
CA ILE C 98 -3.93 -6.85 3.42
C ILE C 98 -4.66 -7.63 4.52
N GLY C 99 -5.88 -7.18 4.84
CA GLY C 99 -6.74 -7.93 5.76
C GLY C 99 -6.21 -8.08 7.17
N GLY C 100 -5.54 -7.05 7.67
CA GLY C 100 -5.09 -7.01 9.06
C GLY C 100 -3.96 -7.97 9.43
N ALA C 101 -3.33 -8.58 8.43
CA ALA C 101 -2.16 -9.41 8.65
C ALA C 101 -1.06 -8.55 9.31
N PRO C 102 -0.27 -9.13 10.23
CA PRO C 102 0.69 -8.34 11.03
C PRO C 102 1.95 -7.90 10.27
N PHE C 103 2.22 -8.53 9.12
CA PHE C 103 3.41 -8.22 8.33
C PHE C 103 3.31 -8.95 7.01
N LYS C 104 4.20 -8.64 6.08
CA LYS C 104 4.30 -9.42 4.82
C LYS C 104 5.48 -10.38 4.86
N ILE C 105 5.37 -11.53 4.19
CA ILE C 105 6.49 -12.50 4.15
C ILE C 105 7.20 -12.49 2.80
N ILE C 106 8.52 -12.36 2.82
CA ILE C 106 9.33 -12.44 1.61
C ILE C 106 10.18 -13.70 1.62
N PHE C 107 9.95 -14.58 0.67
CA PHE C 107 10.74 -15.79 0.58
C PHE C 107 11.88 -15.61 -0.45
N LEU C 108 13.12 -15.63 0.04
CA LEU C 108 14.27 -15.46 -0.83
C LEU C 108 15.00 -16.77 -1.04
N ASP C 109 14.80 -17.34 -2.23
CA ASP C 109 15.39 -18.61 -2.59
C ASP C 109 16.85 -18.40 -3.01
N GLU C 110 17.69 -19.35 -2.62
CA GLU C 110 19.09 -19.42 -3.05
C GLU C 110 19.95 -18.26 -2.57
N ALA C 111 19.71 -17.86 -1.33
CA ALA C 111 20.46 -16.79 -0.71
C ALA C 111 21.97 -17.09 -0.67
N ASP C 112 22.35 -18.35 -0.58
CA ASP C 112 23.78 -18.66 -0.48
C ASP C 112 24.55 -18.60 -1.79
N ALA C 113 23.83 -18.37 -2.90
CA ALA C 113 24.47 -18.12 -4.18
C ALA C 113 25.11 -16.74 -4.22
N LEU C 114 24.75 -15.88 -3.28
CA LEU C 114 25.25 -14.51 -3.27
C LEU C 114 26.67 -14.40 -2.69
N THR C 115 27.45 -13.48 -3.25
CA THR C 115 28.77 -13.12 -2.72
C THR C 115 28.59 -12.47 -1.36
N ALA C 116 29.68 -12.33 -0.61
CA ALA C 116 29.61 -11.74 0.72
C ALA C 116 29.18 -10.27 0.65
N ASP C 117 29.64 -9.58 -0.40
CA ASP C 117 29.25 -8.20 -0.68
C ASP C 117 27.74 -8.08 -0.98
N ALA C 118 27.24 -8.94 -1.87
CA ALA C 118 25.82 -8.92 -2.24
C ALA C 118 24.93 -9.28 -1.04
N GLN C 119 25.41 -10.21 -0.23
CA GLN C 119 24.75 -10.54 1.01
C GLN C 119 24.62 -9.32 1.93
N ALA C 120 25.69 -8.54 2.08
CA ALA C 120 25.62 -7.30 2.88
C ALA C 120 24.59 -6.33 2.29
N ALA C 121 24.64 -6.11 0.98
CA ALA C 121 23.63 -5.27 0.32
C ALA C 121 22.22 -5.76 0.65
N LEU C 122 22.03 -7.07 0.64
CA LEU C 122 20.75 -7.66 1.04
C LEU C 122 20.39 -7.37 2.49
N ARG C 123 21.34 -7.54 3.41
CA ARG C 123 21.13 -7.32 4.84
C ARG C 123 20.71 -5.87 5.17
N ARG C 124 21.20 -4.94 4.35
CA ARG C 124 20.84 -3.53 4.49
C ARG C 124 19.38 -3.35 4.12
N THR C 125 18.88 -4.19 3.23
CA THR C 125 17.48 -4.15 2.86
C THR C 125 16.62 -4.87 3.90
N MET C 126 17.12 -5.98 4.43
CA MET C 126 16.41 -6.74 5.47
C MET C 126 16.23 -5.92 6.75
N GLU C 127 17.14 -5.00 7.00
CA GLU C 127 17.07 -4.13 8.18
C GLU C 127 16.05 -3.03 7.98
N MET C 128 16.10 -2.41 6.81
CA MET C 128 15.15 -1.41 6.37
C MET C 128 13.70 -1.86 6.57
N TYR C 129 13.46 -3.15 6.34
CA TYR C 129 12.10 -3.68 6.32
C TYR C 129 11.74 -4.65 7.45
N SER C 130 12.57 -4.72 8.49
CA SER C 130 12.38 -5.77 9.50
C SER C 130 11.13 -5.62 10.41
N LYS C 131 10.44 -4.49 10.32
CA LYS C 131 9.23 -4.29 11.12
C LYS C 131 7.96 -4.66 10.36
N SER C 132 7.93 -4.25 9.09
CA SER C 132 6.81 -4.46 8.21
C SER C 132 6.80 -5.85 7.54
N CYS C 133 7.98 -6.45 7.38
CA CYS C 133 8.15 -7.73 6.67
C CYS C 133 8.91 -8.73 7.52
N ARG C 134 8.73 -10.02 7.20
CA ARG C 134 9.62 -11.06 7.70
C ARG C 134 10.25 -11.74 6.50
N PHE C 135 11.56 -11.92 6.57
CA PHE C 135 12.31 -12.59 5.53
C PHE C 135 12.53 -14.05 5.86
N ILE C 136 12.25 -14.90 4.88
CA ILE C 136 12.62 -16.31 4.95
C ILE C 136 13.63 -16.54 3.86
N LEU C 137 14.88 -16.76 4.27
CA LEU C 137 15.95 -17.02 3.32
C LEU C 137 16.18 -18.50 3.27
N SER C 138 16.47 -18.98 2.06
CA SER C 138 16.71 -20.38 1.83
C SER C 138 18.12 -20.60 1.30
N CYS C 139 18.77 -21.65 1.82
CA CYS C 139 20.14 -21.94 1.45
C CYS C 139 20.46 -23.43 1.58
N ASN C 140 21.40 -23.90 0.76
CA ASN C 140 21.87 -25.28 0.86
C ASN C 140 22.87 -25.45 2.01
N TYR C 141 23.67 -24.42 2.28
CA TYR C 141 24.60 -24.47 3.41
C TYR C 141 24.66 -23.23 4.31
N VAL C 142 24.59 -23.45 5.61
CA VAL C 142 24.58 -22.37 6.60
C VAL C 142 25.89 -21.59 6.61
N SER C 143 26.98 -22.30 6.33
CA SER C 143 28.33 -21.74 6.34
C SER C 143 28.54 -20.73 5.23
N ARG C 144 27.67 -20.78 4.23
CA ARG C 144 27.75 -19.88 3.08
C ARG C 144 26.96 -18.58 3.24
N ILE C 145 26.51 -18.32 4.46
CA ILE C 145 25.71 -17.15 4.77
C ILE C 145 26.46 -16.28 5.77
N ILE C 146 26.56 -15.00 5.47
CA ILE C 146 27.40 -14.12 6.27
C ILE C 146 26.84 -14.05 7.68
N GLU C 147 27.77 -14.01 8.64
CA GLU C 147 27.42 -14.04 10.05
C GLU C 147 26.43 -12.91 10.45
N PRO C 148 26.60 -11.69 9.93
CA PRO C 148 25.60 -10.61 10.12
C PRO C 148 24.15 -10.93 9.73
N ILE C 149 23.93 -11.88 8.83
CA ILE C 149 22.57 -12.33 8.49
C ILE C 149 22.17 -13.48 9.41
N GLN C 150 23.05 -14.48 9.50
CA GLN C 150 22.86 -15.65 10.36
C GLN C 150 22.40 -15.30 11.78
N SER C 151 23.04 -14.30 12.37
CA SER C 151 22.78 -13.90 13.75
C SER C 151 21.44 -13.20 13.91
N ARG C 152 20.88 -12.69 12.83
CA ARG C 152 19.53 -12.10 12.85
C ARG C 152 18.40 -13.11 12.57
N CYS C 153 18.76 -14.35 12.27
CA CYS C 153 17.79 -15.39 11.90
C CYS C 153 17.62 -16.53 12.88
N ALA C 154 16.39 -17.06 12.96
CA ALA C 154 16.18 -18.39 13.51
C ALA C 154 16.54 -19.36 12.41
N VAL C 155 17.44 -20.28 12.70
CA VAL C 155 17.91 -21.24 11.71
C VAL C 155 17.13 -22.53 11.81
N PHE C 156 16.82 -23.11 10.65
CA PHE C 156 16.11 -24.39 10.58
C PHE C 156 16.81 -25.27 9.57
N ARG C 157 17.18 -26.47 10.01
CA ARG C 157 17.96 -27.38 9.19
C ARG C 157 17.07 -28.45 8.67
N PHE C 158 16.92 -28.45 7.36
CA PHE C 158 16.12 -29.45 6.68
C PHE C 158 17.02 -30.64 6.47
N LYS C 159 16.40 -31.81 6.42
CA LYS C 159 17.12 -33.06 6.30
C LYS C 159 16.56 -33.82 5.11
N PRO C 160 17.34 -34.76 4.57
CA PRO C 160 16.81 -35.54 3.45
C PRO C 160 15.51 -36.19 3.88
N VAL C 161 14.53 -36.24 3.00
CA VAL C 161 13.28 -36.91 3.36
C VAL C 161 13.43 -38.42 3.18
N PRO C 162 13.12 -39.20 4.23
CA PRO C 162 13.39 -40.62 4.16
C PRO C 162 12.42 -41.34 3.22
N LYS C 163 12.93 -42.39 2.60
CA LYS C 163 12.16 -43.23 1.71
C LYS C 163 10.72 -43.43 2.22
N GLU C 164 10.57 -43.72 3.51
CA GLU C 164 9.28 -44.11 4.08
C GLU C 164 8.25 -42.98 4.01
N ALA C 165 8.70 -41.76 4.29
CA ALA C 165 7.83 -40.60 4.27
C ALA C 165 7.31 -40.35 2.86
N MET C 166 8.20 -40.49 1.88
CA MET C 166 7.85 -40.23 0.49
C MET C 166 6.88 -41.25 -0.06
N LYS C 167 7.17 -42.51 0.18
CA LYS C 167 6.31 -43.64 -0.19
C LYS C 167 4.88 -43.46 0.34
N LYS C 168 4.77 -43.13 1.62
CA LYS C 168 3.49 -42.85 2.27
C LYS C 168 2.74 -41.69 1.61
N ARG C 169 3.43 -40.59 1.32
CA ARG C 169 2.73 -39.48 0.66
C ARG C 169 2.32 -39.79 -0.79
N LEU C 170 3.20 -40.44 -1.52
CA LEU C 170 2.90 -40.82 -2.89
C LEU C 170 1.70 -41.73 -2.93
N LEU C 171 1.61 -42.65 -1.97
CA LEU C 171 0.45 -43.54 -1.84
C LEU C 171 -0.86 -42.81 -1.50
N GLU C 172 -0.79 -41.80 -0.64
CA GLU C 172 -1.98 -40.96 -0.39
C GLU C 172 -2.49 -40.29 -1.66
N ILE C 173 -1.56 -39.80 -2.49
CA ILE C 173 -1.92 -39.17 -3.76
C ILE C 173 -2.53 -40.18 -4.71
N CYS C 174 -1.95 -41.37 -4.75
CA CYS C 174 -2.48 -42.48 -5.52
C CYS C 174 -3.95 -42.79 -5.18
N GLU C 175 -4.25 -42.83 -3.88
CA GLU C 175 -5.63 -43.05 -3.41
C GLU C 175 -6.62 -41.98 -3.90
N LYS C 176 -6.28 -40.72 -3.67
CA LYS C 176 -7.10 -39.59 -4.09
C LYS C 176 -7.35 -39.52 -5.59
N GLU C 177 -6.38 -39.98 -6.38
CA GLU C 177 -6.45 -39.88 -7.83
C GLU C 177 -6.90 -41.16 -8.50
N GLY C 178 -7.11 -42.18 -7.69
CA GLY C 178 -7.60 -43.49 -8.17
C GLY C 178 -6.54 -44.25 -8.96
N VAL C 179 -5.27 -44.07 -8.60
CA VAL C 179 -4.17 -44.72 -9.32
C VAL C 179 -3.88 -46.08 -8.69
N LYS C 180 -3.85 -47.15 -9.50
CA LYS C 180 -3.41 -48.46 -9.01
C LYS C 180 -1.93 -48.64 -9.36
N ILE C 181 -1.12 -48.88 -8.34
CA ILE C 181 0.32 -48.99 -8.52
C ILE C 181 0.78 -50.26 -7.83
N THR C 182 1.66 -50.99 -8.49
CA THR C 182 2.18 -52.21 -7.94
C THR C 182 3.35 -51.84 -7.04
N GLU C 183 3.71 -52.72 -6.12
CA GLU C 183 4.87 -52.47 -5.25
C GLU C 183 6.12 -52.32 -6.13
N ASP C 184 6.13 -53.10 -7.20
CA ASP C 184 6.99 -52.96 -8.36
C ASP C 184 7.17 -51.51 -8.87
N GLY C 185 6.05 -50.84 -9.13
CA GLY C 185 6.08 -49.47 -9.66
C GLY C 185 6.44 -48.46 -8.59
N LEU C 186 5.99 -48.72 -7.38
CA LEU C 186 6.26 -47.87 -6.25
C LEU C 186 7.76 -47.79 -5.97
N GLU C 187 8.42 -48.94 -5.94
CA GLU C 187 9.87 -49.01 -5.77
C GLU C 187 10.62 -48.28 -6.89
N ALA C 188 10.14 -48.42 -8.13
CA ALA C 188 10.80 -47.77 -9.25
C ALA C 188 10.66 -46.25 -9.11
N LEU C 189 9.47 -45.82 -8.72
CA LEU C 189 9.16 -44.42 -8.51
C LEU C 189 10.06 -43.81 -7.42
N ILE C 190 10.26 -44.52 -6.33
CA ILE C 190 11.13 -44.03 -5.24
C ILE C 190 12.59 -43.92 -5.70
N TYR C 191 13.00 -44.92 -6.50
CA TYR C 191 14.33 -45.00 -7.09
C TYR C 191 14.63 -43.80 -8.01
N ILE C 192 13.67 -43.50 -8.87
CA ILE C 192 13.75 -42.41 -9.81
C ILE C 192 13.75 -41.07 -9.10
N SER C 193 13.11 -41.01 -7.96
CA SER C 193 12.88 -39.74 -7.28
C SER C 193 14.17 -39.06 -6.85
N GLY C 194 15.17 -39.84 -6.48
CA GLY C 194 16.40 -39.28 -5.91
C GLY C 194 16.17 -38.51 -4.61
N GLY C 195 15.08 -38.80 -3.92
CA GLY C 195 14.73 -38.08 -2.70
C GLY C 195 13.99 -36.77 -2.93
N ASP C 196 13.57 -36.54 -4.17
CA ASP C 196 12.96 -35.30 -4.61
C ASP C 196 11.47 -35.48 -4.85
N PHE C 197 10.64 -34.91 -3.99
CA PHE C 197 9.19 -35.03 -4.14
C PHE C 197 8.75 -34.52 -5.48
N ARG C 198 9.27 -33.37 -5.90
CA ARG C 198 8.82 -32.75 -7.15
C ARG C 198 8.98 -33.70 -8.35
N LYS C 199 10.17 -34.26 -8.52
CA LYS C 199 10.41 -35.25 -9.56
C LYS C 199 9.47 -36.46 -9.47
N ALA C 200 9.26 -36.97 -8.27
CA ALA C 200 8.43 -38.19 -8.07
C ALA C 200 6.98 -37.95 -8.43
N ILE C 201 6.45 -36.80 -8.05
CA ILE C 201 5.06 -36.44 -8.28
C ILE C 201 4.76 -36.15 -9.77
N ASN C 202 5.67 -35.45 -10.44
CA ASN C 202 5.55 -35.22 -11.88
C ASN C 202 5.54 -36.57 -12.58
N ALA C 203 6.46 -37.45 -12.20
CA ALA C 203 6.52 -38.81 -12.78
C ALA C 203 5.21 -39.56 -12.54
N LEU C 204 4.75 -39.57 -11.29
CA LEU C 204 3.50 -40.20 -10.93
C LEU C 204 2.31 -39.66 -11.74
N GLN C 205 2.22 -38.34 -11.84
CA GLN C 205 1.17 -37.74 -12.64
C GLN C 205 1.26 -38.22 -14.09
N GLY C 206 2.46 -38.17 -14.66
CA GLY C 206 2.68 -38.70 -16.00
C GLY C 206 2.25 -40.16 -16.09
N ALA C 207 2.74 -40.97 -15.15
CA ALA C 207 2.41 -42.39 -15.13
C ALA C 207 0.89 -42.63 -15.08
N ALA C 208 0.21 -41.83 -14.27
CA ALA C 208 -1.21 -42.03 -14.00
C ALA C 208 -2.08 -41.74 -15.22
N ALA C 209 -1.60 -40.86 -16.09
CA ALA C 209 -2.29 -40.43 -17.31
C ALA C 209 -2.47 -41.56 -18.34
N ILE C 210 -1.58 -42.54 -18.34
CA ILE C 210 -1.68 -43.68 -19.28
C ILE C 210 -3.00 -44.42 -19.09
N GLY C 211 -3.51 -44.43 -17.86
CA GLY C 211 -4.80 -45.08 -17.54
C GLY C 211 -4.71 -46.56 -17.19
N GLU C 212 -3.49 -47.06 -17.02
CA GLU C 212 -3.22 -48.47 -16.71
C GLU C 212 -2.72 -48.68 -15.27
N VAL C 213 -2.54 -49.93 -14.87
CA VAL C 213 -1.90 -50.22 -13.59
C VAL C 213 -0.45 -49.77 -13.69
N VAL C 214 0.00 -48.95 -12.75
CA VAL C 214 1.39 -48.49 -12.76
C VAL C 214 2.38 -49.51 -12.19
N ASP C 215 3.22 -50.08 -13.06
CA ASP C 215 4.33 -50.92 -12.61
C ASP C 215 5.69 -50.31 -12.97
N ALA C 216 6.78 -51.06 -12.79
CA ALA C 216 8.14 -50.56 -13.02
C ALA C 216 8.35 -50.12 -14.45
N ASP C 217 7.83 -50.88 -15.39
CA ASP C 217 7.97 -50.54 -16.80
C ASP C 217 7.30 -49.21 -17.13
N THR C 218 6.12 -48.95 -16.57
CA THR C 218 5.48 -47.65 -16.82
C THR C 218 6.25 -46.49 -16.21
N ILE C 219 6.89 -46.70 -15.06
CA ILE C 219 7.74 -45.67 -14.47
C ILE C 219 8.95 -45.42 -15.36
N TYR C 220 9.66 -46.47 -15.77
CA TYR C 220 10.79 -46.23 -16.68
C TYR C 220 10.33 -45.62 -18.03
N GLN C 221 9.14 -45.98 -18.50
CA GLN C 221 8.62 -45.38 -19.73
C GLN C 221 8.44 -43.84 -19.63
N ILE C 222 7.75 -43.38 -18.59
CA ILE C 222 7.47 -41.94 -18.39
C ILE C 222 8.74 -41.11 -18.20
N THR C 223 9.77 -41.79 -17.72
CA THR C 223 11.00 -41.18 -17.30
C THR C 223 11.98 -41.12 -18.50
N ALA C 224 11.68 -41.90 -19.54
CA ALA C 224 12.44 -41.88 -20.79
C ALA C 224 11.91 -40.79 -21.74
N PHE D 4 -11.03 18.84 -11.93
CA PHE D 4 -11.02 19.35 -10.52
C PHE D 4 -9.67 19.16 -9.85
N GLU D 5 -9.23 20.22 -9.16
CA GLU D 5 -7.85 20.42 -8.82
C GLU D 5 -7.82 21.68 -7.95
N ILE D 6 -7.14 21.63 -6.80
CA ILE D 6 -6.97 22.85 -6.02
C ILE D 6 -5.51 23.27 -5.93
N TRP D 7 -5.26 24.54 -6.20
CA TRP D 7 -3.88 25.05 -6.35
C TRP D 7 -3.18 25.10 -5.02
N VAL D 8 -3.98 25.06 -3.96
CA VAL D 8 -3.48 24.97 -2.59
C VAL D 8 -2.83 23.59 -2.36
N GLU D 9 -3.30 22.58 -3.09
CA GLU D 9 -2.68 21.26 -3.02
C GLU D 9 -1.63 21.07 -4.10
N LYS D 10 -1.97 21.46 -5.33
CA LYS D 10 -1.06 21.41 -6.44
C LYS D 10 0.26 22.15 -6.16
N TYR D 11 0.19 23.26 -5.44
CA TYR D 11 1.40 24.04 -5.16
C TYR D 11 1.79 23.99 -3.68
N ARG D 12 1.43 22.89 -3.06
CA ARG D 12 1.81 22.56 -1.70
C ARG D 12 3.31 22.18 -1.72
N PRO D 13 4.11 22.70 -0.79
CA PRO D 13 5.50 22.26 -0.69
C PRO D 13 5.63 20.75 -0.60
N ARG D 14 6.62 20.22 -1.32
CA ARG D 14 6.83 18.78 -1.44
C ARG D 14 8.16 18.36 -0.78
N THR D 15 8.96 19.36 -0.41
CA THR D 15 10.21 19.13 0.31
C THR D 15 10.38 20.33 1.24
N LEU D 16 11.23 20.21 2.25
CA LEU D 16 11.43 21.29 3.21
C LEU D 16 11.78 22.62 2.53
N ASP D 17 12.63 22.58 1.49
CA ASP D 17 13.10 23.80 0.83
C ASP D 17 11.99 24.61 0.14
N GLU D 18 10.86 23.97 -0.11
CA GLU D 18 9.74 24.67 -0.75
C GLU D 18 8.88 25.44 0.23
N VAL D 19 9.07 25.29 1.54
CA VAL D 19 8.39 26.21 2.45
C VAL D 19 9.11 27.52 2.61
N VAL D 20 8.34 28.58 2.69
CA VAL D 20 8.86 29.91 2.52
C VAL D 20 8.63 30.67 3.83
N GLY D 21 9.48 31.65 4.10
CA GLY D 21 9.34 32.52 5.27
C GLY D 21 9.64 31.90 6.62
N GLN D 22 10.25 30.72 6.65
CA GLN D 22 10.56 30.08 7.94
C GLN D 22 11.97 29.52 7.98
N ASP D 23 12.92 30.25 7.40
CA ASP D 23 14.29 29.72 7.16
C ASP D 23 14.96 29.11 8.38
N GLU D 24 14.95 29.83 9.50
CA GLU D 24 15.53 29.32 10.75
C GLU D 24 14.98 27.92 11.13
N VAL D 25 13.66 27.78 11.08
CA VAL D 25 12.97 26.51 11.36
C VAL D 25 13.38 25.45 10.34
N ILE D 26 13.27 25.82 9.06
CA ILE D 26 13.53 24.90 7.97
C ILE D 26 14.96 24.35 8.04
N GLN D 27 15.93 25.20 8.37
CA GLN D 27 17.31 24.74 8.37
C GLN D 27 17.58 23.76 9.52
N ARG D 28 16.96 24.00 10.68
CA ARG D 28 17.05 23.12 11.84
C ARG D 28 16.41 21.78 11.52
N LEU D 29 15.25 21.84 10.90
CA LEU D 29 14.52 20.66 10.50
C LEU D 29 15.30 19.80 9.52
N LYS D 30 16.07 20.42 8.64
CA LYS D 30 16.87 19.67 7.66
C LYS D 30 18.04 18.94 8.35
N GLY D 31 18.49 19.50 9.47
CA GLY D 31 19.53 18.87 10.27
C GLY D 31 19.10 17.49 10.71
N TYR D 32 17.80 17.37 11.02
CA TYR D 32 17.20 16.09 11.44
C TYR D 32 16.99 15.11 10.30
N VAL D 33 16.51 15.58 9.14
CA VAL D 33 16.28 14.67 8.00
C VAL D 33 17.58 14.07 7.49
N GLU D 34 18.66 14.82 7.68
CA GLU D 34 20.00 14.37 7.36
C GLU D 34 20.30 13.13 8.21
N ARG D 35 19.86 13.16 9.46
CA ARG D 35 20.10 12.05 10.38
C ARG D 35 18.99 10.96 10.38
N LYS D 36 17.97 11.11 9.52
CA LYS D 36 16.83 10.18 9.37
C LYS D 36 15.97 9.93 10.63
N ASN D 37 15.97 10.90 11.54
CA ASN D 37 15.24 10.77 12.80
C ASN D 37 14.86 12.15 13.34
N ILE D 38 13.70 12.22 13.97
CA ILE D 38 13.26 13.45 14.64
C ILE D 38 12.90 13.19 16.09
N PRO D 39 13.00 14.23 16.95
CA PRO D 39 12.32 14.10 18.24
C PRO D 39 10.82 14.42 18.03
N HIS D 40 10.03 14.42 19.10
CA HIS D 40 8.70 14.98 19.05
C HIS D 40 8.83 16.48 18.89
N LEU D 41 7.89 17.06 18.16
CA LEU D 41 8.01 18.44 17.68
C LEU D 41 6.82 19.26 18.10
N LEU D 42 7.07 20.51 18.54
CA LEU D 42 6.02 21.45 18.87
C LEU D 42 6.17 22.63 17.95
N PHE D 43 5.18 22.79 17.07
CA PHE D 43 5.16 23.85 16.07
C PHE D 43 4.30 24.96 16.59
N SER D 44 4.94 26.05 17.00
CA SER D 44 4.27 27.16 17.63
C SER D 44 4.24 28.35 16.68
N GLY D 45 3.18 29.16 16.71
CA GLY D 45 3.15 30.39 15.92
C GLY D 45 1.78 30.68 15.34
N PRO D 46 1.60 31.86 14.69
CA PRO D 46 0.26 32.20 14.21
C PRO D 46 -0.28 31.17 13.20
N PRO D 47 -1.60 31.08 13.06
CA PRO D 47 -2.15 30.18 12.06
C PRO D 47 -1.89 30.66 10.65
N GLY D 48 -1.78 29.71 9.73
CA GLY D 48 -1.69 30.04 8.31
C GLY D 48 -0.28 30.32 7.84
N THR D 49 0.69 30.18 8.75
CA THR D 49 2.10 30.48 8.45
C THR D 49 2.88 29.33 7.84
N GLY D 50 2.32 28.13 7.85
CA GLY D 50 2.95 26.98 7.21
C GLY D 50 3.19 25.75 8.05
N LYS D 51 2.64 25.70 9.25
CA LYS D 51 2.92 24.57 10.14
C LYS D 51 2.53 23.23 9.53
N THR D 52 1.33 23.14 8.99
CA THR D 52 0.88 21.88 8.43
C THR D 52 1.68 21.58 7.18
N ALA D 53 1.98 22.63 6.41
CA ALA D 53 2.78 22.50 5.20
C ALA D 53 4.15 21.93 5.55
N THR D 54 4.78 22.44 6.60
CA THR D 54 6.12 21.96 6.87
C THR D 54 6.15 20.57 7.49
N ALA D 55 5.07 20.16 8.15
CA ALA D 55 4.99 18.80 8.65
C ALA D 55 4.83 17.77 7.51
N ILE D 56 4.00 18.11 6.52
CA ILE D 56 3.85 17.27 5.31
C ILE D 56 5.20 17.22 4.61
N ALA D 57 5.84 18.38 4.43
CA ALA D 57 7.15 18.44 3.80
C ALA D 57 8.21 17.60 4.52
N LEU D 58 8.23 17.66 5.86
CA LEU D 58 9.13 16.85 6.70
C LEU D 58 8.88 15.36 6.45
N ALA D 59 7.63 14.92 6.53
CA ALA D 59 7.28 13.51 6.29
C ALA D 59 7.73 13.01 4.91
N ARG D 60 7.57 13.86 3.91
CA ARG D 60 7.97 13.51 2.55
C ARG D 60 9.50 13.37 2.48
N ASP D 61 10.23 14.34 2.99
CA ASP D 61 11.69 14.25 3.05
C ASP D 61 12.18 13.04 3.83
N LEU D 62 11.47 12.67 4.89
CA LEU D 62 11.86 11.53 5.75
C LEU D 62 11.49 10.18 5.17
N PHE D 63 10.32 10.08 4.57
CA PHE D 63 9.76 8.79 4.17
C PHE D 63 9.78 8.56 2.64
N GLY D 64 9.81 9.65 1.88
CA GLY D 64 9.81 9.58 0.43
C GLY D 64 8.48 9.11 -0.13
N GLU D 65 8.53 8.16 -1.05
CA GLU D 65 7.35 7.73 -1.78
C GLU D 65 6.25 7.09 -0.91
N ASN D 66 6.63 6.24 0.04
CA ASN D 66 5.63 5.73 0.99
C ASN D 66 5.47 6.60 2.25
N TRP D 67 5.25 7.90 2.02
CA TRP D 67 5.04 8.86 3.11
C TRP D 67 3.60 8.90 3.59
N ARG D 68 2.67 8.79 2.64
CA ARG D 68 1.27 9.01 2.93
C ARG D 68 0.75 8.02 3.96
N ASP D 69 1.16 6.76 3.83
CA ASP D 69 0.73 5.73 4.76
C ASP D 69 1.31 5.88 6.16
N ASN D 70 2.42 6.61 6.27
CA ASN D 70 3.13 6.74 7.56
C ASN D 70 2.94 8.08 8.25
N PHE D 71 1.96 8.84 7.76
CA PHE D 71 1.67 10.15 8.28
C PHE D 71 0.16 10.30 8.33
N ILE D 72 -0.33 10.73 9.49
CA ILE D 72 -1.73 11.08 9.62
C ILE D 72 -1.89 12.44 10.30
N GLU D 73 -2.87 13.21 9.81
CA GLU D 73 -3.23 14.50 10.37
C GLU D 73 -4.51 14.35 11.13
N MET D 74 -4.58 14.88 12.33
CA MET D 74 -5.87 15.04 12.98
C MET D 74 -5.94 16.31 13.82
N ASN D 75 -7.16 16.79 14.05
CA ASN D 75 -7.36 17.95 14.93
C ASN D 75 -7.52 17.46 16.36
N ALA D 76 -6.69 18.00 17.26
CA ALA D 76 -6.66 17.59 18.66
C ALA D 76 -7.98 17.81 19.39
N SER D 77 -8.69 18.88 19.04
CA SER D 77 -9.94 19.22 19.69
C SER D 77 -11.11 18.71 18.85
N ASP D 78 -11.39 17.43 19.01
CA ASP D 78 -12.56 16.79 18.43
C ASP D 78 -13.66 16.85 19.49
N GLU D 79 -14.88 17.17 19.04
CA GLU D 79 -16.04 17.36 19.92
C GLU D 79 -16.44 16.11 20.70
N ARG D 80 -16.08 14.93 20.18
CA ARG D 80 -16.38 13.66 20.87
C ARG D 80 -15.44 13.42 22.06
N GLY D 81 -14.37 14.19 22.14
CA GLY D 81 -13.50 14.23 23.30
C GLY D 81 -12.10 13.76 23.01
N ILE D 82 -11.21 13.98 23.96
CA ILE D 82 -9.84 13.55 23.86
C ILE D 82 -9.67 12.02 23.74
N ASP D 83 -10.58 11.26 24.32
CA ASP D 83 -10.48 9.80 24.28
C ASP D 83 -10.68 9.25 22.88
N VAL D 84 -11.56 9.88 22.11
CA VAL D 84 -11.79 9.51 20.70
C VAL D 84 -10.57 9.87 19.81
N VAL D 85 -9.83 10.91 20.20
CA VAL D 85 -8.54 11.21 19.57
C VAL D 85 -7.50 10.16 19.95
N ARG D 86 -7.46 9.81 21.23
CA ARG D 86 -6.55 8.82 21.77
C ARG D 86 -6.74 7.43 21.14
N HIS D 87 -8.00 7.03 20.99
CA HIS D 87 -8.35 5.78 20.29
C HIS D 87 -7.87 5.78 18.85
N LYS D 88 -8.13 6.87 18.13
CA LYS D 88 -7.68 7.01 16.75
C LYS D 88 -6.18 6.94 16.59
N ILE D 89 -5.45 7.54 17.54
CA ILE D 89 -4.00 7.45 17.58
C ILE D 89 -3.56 6.02 17.84
N LYS D 90 -4.21 5.37 18.79
CA LYS D 90 -3.98 3.95 19.13
C LYS D 90 -4.05 3.04 17.89
N GLU D 91 -5.12 3.18 17.12
CA GLU D 91 -5.35 2.40 15.90
C GLU D 91 -4.27 2.56 14.84
N PHE D 92 -3.79 3.80 14.69
CA PHE D 92 -2.74 4.13 13.75
C PHE D 92 -1.39 3.60 14.23
N ALA D 93 -1.13 3.74 15.52
CA ALA D 93 0.16 3.40 16.11
C ALA D 93 0.38 1.92 16.35
N ARG D 94 -0.69 1.14 16.32
CA ARG D 94 -0.56 -0.26 16.70
C ARG D 94 -0.16 -1.19 15.55
N THR D 95 -0.22 -0.68 14.32
CA THR D 95 0.32 -1.40 13.19
C THR D 95 1.74 -0.93 12.84
N ALA D 96 2.50 -1.81 12.19
CA ALA D 96 3.88 -1.55 11.79
C ALA D 96 3.97 -0.35 10.81
N PRO D 97 5.14 0.31 10.75
CA PRO D 97 5.27 1.34 9.71
C PRO D 97 5.26 0.65 8.35
N ILE D 98 5.02 1.40 7.30
CA ILE D 98 4.88 0.83 5.96
C ILE D 98 6.15 1.09 5.15
N GLY D 99 6.56 0.08 4.38
CA GLY D 99 7.64 0.24 3.41
C GLY D 99 8.97 0.70 3.97
N GLY D 100 9.37 0.16 5.11
CA GLY D 100 10.69 0.50 5.63
C GLY D 100 10.88 1.96 6.05
N ALA D 101 9.77 2.60 6.40
CA ALA D 101 9.81 3.83 7.17
C ALA D 101 10.21 3.45 8.59
N PRO D 102 11.11 4.21 9.22
CA PRO D 102 11.57 3.81 10.56
C PRO D 102 10.57 4.10 11.69
N PHE D 103 9.58 4.93 11.40
CA PHE D 103 8.52 5.24 12.37
C PHE D 103 7.32 5.88 11.67
N LYS D 104 6.29 6.20 12.45
CA LYS D 104 5.11 6.87 11.92
C LYS D 104 4.99 8.25 12.55
N ILE D 105 4.37 9.17 11.83
CA ILE D 105 4.22 10.53 12.31
C ILE D 105 2.75 10.86 12.50
N ILE D 106 2.39 11.36 13.68
CA ILE D 106 1.05 11.88 13.93
C ILE D 106 1.13 13.39 14.06
N PHE D 107 0.41 14.10 13.19
CA PHE D 107 0.31 15.56 13.27
C PHE D 107 -0.99 15.93 13.99
N LEU D 108 -0.86 16.53 15.18
CA LEU D 108 -2.00 16.93 15.97
C LEU D 108 -2.17 18.43 15.95
N ASP D 109 -3.24 18.89 15.32
CA ASP D 109 -3.45 20.30 15.06
C ASP D 109 -4.21 20.90 16.24
N GLU D 110 -3.89 22.15 16.57
CA GLU D 110 -4.59 22.90 17.63
C GLU D 110 -4.51 22.20 18.99
N ALA D 111 -3.32 21.71 19.31
CA ALA D 111 -3.13 21.03 20.57
C ALA D 111 -3.38 21.97 21.76
N ASP D 112 -3.14 23.27 21.57
CA ASP D 112 -3.34 24.23 22.65
C ASP D 112 -4.82 24.54 22.95
N ALA D 113 -5.73 24.13 22.06
CA ALA D 113 -7.15 24.28 22.34
C ALA D 113 -7.60 23.34 23.47
N LEU D 114 -6.78 22.34 23.79
CA LEU D 114 -7.11 21.34 24.80
C LEU D 114 -6.94 21.83 26.25
N THR D 115 -7.82 21.34 27.12
CA THR D 115 -7.73 21.60 28.56
C THR D 115 -6.49 20.89 29.11
N ALA D 116 -5.97 21.36 30.25
CA ALA D 116 -4.83 20.72 30.89
C ALA D 116 -5.12 19.26 31.25
N ASP D 117 -6.36 18.95 31.56
CA ASP D 117 -6.79 17.58 31.82
C ASP D 117 -6.65 16.72 30.54
N ALA D 118 -7.18 17.22 29.42
CA ALA D 118 -7.09 16.54 28.14
C ALA D 118 -5.64 16.40 27.69
N GLN D 119 -4.81 17.40 27.97
CA GLN D 119 -3.40 17.33 27.65
C GLN D 119 -2.66 16.30 28.50
N ALA D 120 -3.12 16.08 29.73
CA ALA D 120 -2.55 15.04 30.57
C ALA D 120 -2.87 13.65 30.00
N ALA D 121 -4.09 13.50 29.48
CA ALA D 121 -4.54 12.25 28.88
C ALA D 121 -3.74 11.98 27.61
N LEU D 122 -3.76 12.95 26.69
CA LEU D 122 -2.95 12.90 25.47
C LEU D 122 -1.50 12.52 25.75
N ARG D 123 -0.94 13.05 26.83
CA ARG D 123 0.45 12.79 27.16
C ARG D 123 0.71 11.33 27.50
N ARG D 124 -0.25 10.66 28.13
CA ARG D 124 -0.12 9.22 28.45
C ARG D 124 0.03 8.43 27.15
N THR D 125 -0.80 8.80 26.18
CA THR D 125 -0.72 8.25 24.85
C THR D 125 0.62 8.58 24.16
N MET D 126 1.08 9.81 24.31
CA MET D 126 2.38 10.19 23.77
C MET D 126 3.56 9.37 24.33
N GLU D 127 3.50 9.03 25.62
CA GLU D 127 4.54 8.22 26.23
C GLU D 127 4.44 6.77 25.76
N MET D 128 3.19 6.31 25.56
CA MET D 128 2.93 4.96 25.09
C MET D 128 3.61 4.66 23.74
N TYR D 129 3.44 5.56 22.79
CA TYR D 129 3.96 5.36 21.44
C TYR D 129 5.16 6.24 21.13
N SER D 130 5.87 6.69 22.17
CA SER D 130 6.99 7.62 21.97
C SER D 130 8.15 7.02 21.16
N LYS D 131 8.32 5.69 21.22
CA LYS D 131 9.37 5.04 20.41
C LYS D 131 8.99 4.73 18.97
N SER D 132 7.74 4.28 18.76
CA SER D 132 7.28 3.81 17.46
C SER D 132 6.72 4.92 16.57
N CYS D 133 6.31 6.04 17.18
CA CYS D 133 5.72 7.15 16.47
C CYS D 133 6.44 8.41 16.87
N ARG D 134 6.28 9.44 16.06
CA ARG D 134 6.71 10.78 16.43
C ARG D 134 5.48 11.66 16.34
N PHE D 135 5.33 12.55 17.31
CA PHE D 135 4.17 13.43 17.35
C PHE D 135 4.64 14.81 16.99
N ILE D 136 3.87 15.45 16.13
CA ILE D 136 4.12 16.84 15.78
C ILE D 136 2.87 17.55 16.21
N LEU D 137 3.03 18.43 17.21
CA LEU D 137 1.88 19.11 17.77
C LEU D 137 1.96 20.52 17.30
N SER D 138 0.81 21.08 16.98
CA SER D 138 0.74 22.44 16.55
C SER D 138 -0.01 23.28 17.59
N CYS D 139 0.52 24.47 17.85
CA CYS D 139 -0.10 25.40 18.77
C CYS D 139 0.14 26.84 18.29
N ASN D 140 -0.64 27.78 18.83
CA ASN D 140 -0.39 29.21 18.64
C ASN D 140 0.58 29.72 19.69
N TYR D 141 0.45 29.24 20.92
CA TYR D 141 1.30 29.67 22.02
C TYR D 141 1.82 28.51 22.85
N VAL D 142 3.12 28.44 23.01
CA VAL D 142 3.79 27.39 23.78
C VAL D 142 3.30 27.38 25.24
N SER D 143 3.01 28.56 25.80
CA SER D 143 2.53 28.69 27.19
C SER D 143 1.20 27.96 27.43
N ARG D 144 0.44 27.80 26.35
CA ARG D 144 -0.81 27.06 26.36
C ARG D 144 -0.65 25.53 26.36
N ILE D 145 0.59 25.05 26.33
CA ILE D 145 0.89 23.60 26.30
C ILE D 145 1.50 23.23 27.66
N ILE D 146 0.98 22.17 28.29
CA ILE D 146 1.43 21.77 29.62
C ILE D 146 2.89 21.35 29.61
N GLU D 147 3.57 21.61 30.73
CA GLU D 147 5.02 21.43 30.81
C GLU D 147 5.48 20.01 30.53
N PRO D 148 4.76 18.99 31.07
CA PRO D 148 5.12 17.61 30.71
C PRO D 148 5.16 17.33 29.19
N ILE D 149 4.34 18.03 28.41
CA ILE D 149 4.39 17.90 26.94
C ILE D 149 5.54 18.71 26.35
N GLN D 150 5.62 20.00 26.68
CA GLN D 150 6.71 20.88 26.22
C GLN D 150 8.10 20.30 26.35
N SER D 151 8.39 19.73 27.52
CA SER D 151 9.73 19.23 27.84
C SER D 151 10.11 17.96 27.06
N ARG D 152 9.14 17.38 26.36
CA ARG D 152 9.39 16.19 25.57
C ARG D 152 9.47 16.49 24.07
N CYS D 153 9.34 17.78 23.75
CA CYS D 153 9.36 18.26 22.37
C CYS D 153 10.51 19.21 22.10
N ALA D 154 11.00 19.22 20.87
CA ALA D 154 11.78 20.33 20.36
C ALA D 154 10.77 21.38 19.87
N VAL D 155 11.00 22.63 20.21
CA VAL D 155 10.05 23.69 19.89
C VAL D 155 10.50 24.49 18.68
N PHE D 156 9.63 24.59 17.68
CA PHE D 156 9.90 25.45 16.53
C PHE D 156 8.92 26.60 16.46
N ARG D 157 9.43 27.83 16.40
CA ARG D 157 8.58 29.03 16.35
C ARG D 157 8.40 29.54 14.93
N PHE D 158 7.19 29.38 14.42
CA PHE D 158 6.80 29.90 13.12
C PHE D 158 6.53 31.38 13.21
N LYS D 159 6.99 32.14 12.22
CA LYS D 159 6.86 33.59 12.23
C LYS D 159 5.87 34.00 11.14
N PRO D 160 5.38 35.25 11.16
CA PRO D 160 4.52 35.68 10.04
C PRO D 160 5.32 35.69 8.74
N VAL D 161 4.72 35.31 7.62
CA VAL D 161 5.46 35.39 6.36
C VAL D 161 5.41 36.81 5.79
N PRO D 162 6.59 37.40 5.46
CA PRO D 162 6.67 38.77 4.95
C PRO D 162 5.96 38.97 3.60
N LYS D 163 5.44 40.17 3.39
CA LYS D 163 4.79 40.50 2.13
C LYS D 163 5.59 39.98 0.93
N GLU D 164 6.90 40.14 1.00
CA GLU D 164 7.81 39.88 -0.13
C GLU D 164 7.91 38.40 -0.48
N ALA D 165 7.87 37.55 0.55
CA ALA D 165 7.97 36.12 0.35
C ALA D 165 6.67 35.58 -0.28
N MET D 166 5.54 36.15 0.13
CA MET D 166 4.28 35.77 -0.48
C MET D 166 4.17 36.22 -1.93
N LYS D 167 4.63 37.43 -2.21
CA LYS D 167 4.68 37.99 -3.56
C LYS D 167 5.44 37.07 -4.50
N LYS D 168 6.65 36.70 -4.09
CA LYS D 168 7.53 35.90 -4.91
C LYS D 168 6.92 34.55 -5.23
N ARG D 169 6.27 33.97 -4.22
CA ARG D 169 5.66 32.66 -4.36
C ARG D 169 4.43 32.69 -5.25
N LEU D 170 3.55 33.65 -5.03
CA LEU D 170 2.36 33.79 -5.84
C LEU D 170 2.70 34.01 -7.32
N LEU D 171 3.75 34.78 -7.60
CA LEU D 171 4.20 34.98 -8.98
C LEU D 171 4.71 33.66 -9.60
N GLU D 172 5.54 32.93 -8.86
CA GLU D 172 5.94 31.58 -9.29
C GLU D 172 4.75 30.72 -9.73
N ILE D 173 3.68 30.68 -8.94
CA ILE D 173 2.43 30.01 -9.32
C ILE D 173 1.77 30.61 -10.58
N CYS D 174 1.76 31.95 -10.67
CA CYS D 174 1.25 32.66 -11.85
C CYS D 174 1.95 32.22 -13.15
N GLU D 175 3.25 31.98 -13.07
CA GLU D 175 4.04 31.53 -14.20
C GLU D 175 3.64 30.12 -14.61
N LYS D 176 3.78 29.17 -13.67
CA LYS D 176 3.37 27.78 -13.86
C LYS D 176 1.96 27.60 -14.46
N GLU D 177 1.04 28.52 -14.15
CA GLU D 177 -0.35 28.40 -14.58
C GLU D 177 -0.72 29.37 -15.72
N GLY D 178 0.24 30.18 -16.14
CA GLY D 178 0.03 31.14 -17.22
C GLY D 178 -1.02 32.20 -16.91
N VAL D 179 -0.97 32.69 -15.67
CA VAL D 179 -1.91 33.72 -15.21
C VAL D 179 -1.29 35.06 -15.54
N LYS D 180 -2.10 35.92 -16.15
CA LYS D 180 -1.66 37.27 -16.45
C LYS D 180 -2.32 38.19 -15.43
N ILE D 181 -1.48 38.81 -14.61
CA ILE D 181 -1.92 39.63 -13.50
C ILE D 181 -1.21 40.98 -13.53
N THR D 182 -1.97 42.06 -13.32
CA THR D 182 -1.38 43.41 -13.23
C THR D 182 -0.72 43.63 -11.88
N GLU D 183 0.15 44.63 -11.80
CA GLU D 183 0.87 44.90 -10.56
C GLU D 183 -0.12 45.25 -9.44
N ASP D 184 -1.17 46.00 -9.80
CA ASP D 184 -2.23 46.36 -8.85
C ASP D 184 -3.11 45.17 -8.48
N GLY D 185 -3.30 44.26 -9.43
CA GLY D 185 -3.99 43.01 -9.18
C GLY D 185 -3.28 42.23 -8.09
N LEU D 186 -1.97 42.05 -8.27
CA LEU D 186 -1.12 41.42 -7.26
C LEU D 186 -1.21 42.11 -5.90
N GLU D 187 -1.18 43.43 -5.88
CA GLU D 187 -1.19 44.15 -4.60
C GLU D 187 -2.56 44.00 -3.91
N ALA D 188 -3.62 43.91 -4.71
CA ALA D 188 -4.96 43.60 -4.18
C ALA D 188 -4.99 42.18 -3.61
N LEU D 189 -4.25 41.27 -4.25
CA LEU D 189 -4.18 39.89 -3.84
C LEU D 189 -3.48 39.76 -2.48
N ILE D 190 -2.27 40.33 -2.37
CA ILE D 190 -1.55 40.37 -1.13
C ILE D 190 -2.39 41.00 0.02
N TYR D 191 -3.15 42.04 -0.30
CA TYR D 191 -3.98 42.76 0.69
C TYR D 191 -5.04 41.84 1.30
N ILE D 192 -5.81 41.20 0.42
CA ILE D 192 -6.83 40.21 0.71
C ILE D 192 -6.30 39.05 1.56
N SER D 193 -5.05 38.66 1.31
CA SER D 193 -4.48 37.48 1.94
C SER D 193 -4.48 37.54 3.46
N GLY D 194 -4.26 38.72 4.04
CA GLY D 194 -4.01 38.80 5.47
C GLY D 194 -2.77 38.04 5.93
N GLY D 195 -1.89 37.72 5.00
CA GLY D 195 -0.71 36.93 5.31
C GLY D 195 -0.93 35.44 5.32
N ASP D 196 -2.04 35.02 4.72
CA ASP D 196 -2.50 33.64 4.70
C ASP D 196 -2.41 33.09 3.29
N PHE D 197 -1.46 32.18 3.05
CA PHE D 197 -1.21 31.62 1.74
C PHE D 197 -2.44 30.93 1.21
N ARG D 198 -3.12 30.18 2.07
CA ARG D 198 -4.31 29.41 1.66
C ARG D 198 -5.34 30.34 1.05
N LYS D 199 -5.64 31.42 1.75
CA LYS D 199 -6.58 32.43 1.27
C LYS D 199 -6.17 33.04 -0.09
N ALA D 200 -4.89 33.42 -0.22
CA ALA D 200 -4.37 34.07 -1.44
C ALA D 200 -4.39 33.14 -2.64
N ILE D 201 -3.95 31.90 -2.43
CA ILE D 201 -3.92 30.92 -3.50
C ILE D 201 -5.34 30.54 -3.96
N ASN D 202 -6.26 30.37 -3.01
CA ASN D 202 -7.64 30.10 -3.40
C ASN D 202 -8.19 31.26 -4.23
N ALA D 203 -7.86 32.49 -3.85
CA ALA D 203 -8.35 33.67 -4.56
C ALA D 203 -7.75 33.73 -5.96
N LEU D 204 -6.45 33.48 -6.02
CA LEU D 204 -5.74 33.49 -7.27
C LEU D 204 -6.32 32.46 -8.24
N GLN D 205 -6.56 31.24 -7.76
CA GLN D 205 -7.14 30.20 -8.61
C GLN D 205 -8.48 30.64 -9.17
N GLY D 206 -9.34 31.15 -8.27
CA GLY D 206 -10.66 31.68 -8.66
C GLY D 206 -10.61 32.86 -9.62
N ALA D 207 -9.63 33.76 -9.42
CA ALA D 207 -9.44 34.92 -10.30
C ALA D 207 -8.95 34.48 -11.67
N ALA D 208 -8.11 33.48 -11.70
CA ALA D 208 -7.50 33.02 -12.94
C ALA D 208 -8.50 32.25 -13.79
N ALA D 209 -9.47 31.62 -13.16
CA ALA D 209 -10.47 30.81 -13.84
C ALA D 209 -11.31 31.65 -14.81
N ILE D 210 -11.41 32.95 -14.55
CA ILE D 210 -12.25 33.83 -15.37
C ILE D 210 -11.66 34.04 -16.77
N GLY D 211 -10.35 33.85 -16.91
CA GLY D 211 -9.67 33.82 -18.21
C GLY D 211 -9.10 35.15 -18.71
N GLU D 212 -9.39 36.24 -17.99
CA GLU D 212 -8.92 37.58 -18.38
C GLU D 212 -7.60 37.93 -17.70
N VAL D 213 -7.20 39.20 -17.81
CA VAL D 213 -6.08 39.71 -17.04
C VAL D 213 -6.59 40.00 -15.63
N VAL D 214 -5.84 39.55 -14.64
CA VAL D 214 -6.25 39.70 -13.25
C VAL D 214 -5.84 41.07 -12.73
N ASP D 215 -6.82 41.93 -12.43
CA ASP D 215 -6.55 43.19 -11.72
C ASP D 215 -7.28 43.29 -10.39
N ALA D 216 -7.21 44.47 -9.77
CA ALA D 216 -7.76 44.69 -8.44
C ALA D 216 -9.25 44.42 -8.39
N ASP D 217 -9.98 44.77 -9.45
CA ASP D 217 -11.42 44.56 -9.48
C ASP D 217 -11.77 43.08 -9.57
N THR D 218 -10.98 42.33 -10.36
CA THR D 218 -11.20 40.90 -10.40
C THR D 218 -10.92 40.26 -9.02
N ILE D 219 -9.88 40.74 -8.32
CA ILE D 219 -9.61 40.26 -6.95
C ILE D 219 -10.75 40.53 -5.96
N TYR D 220 -11.25 41.77 -5.92
CA TYR D 220 -12.40 42.09 -5.08
C TYR D 220 -13.68 41.37 -5.52
N GLN D 221 -13.81 41.10 -6.81
CA GLN D 221 -14.95 40.34 -7.34
C GLN D 221 -14.96 38.89 -6.83
N ILE D 222 -13.80 38.25 -6.82
CA ILE D 222 -13.65 36.87 -6.30
C ILE D 222 -13.84 36.83 -4.77
N THR D 223 -13.31 37.84 -4.10
CA THR D 223 -13.37 37.98 -2.64
C THR D 223 -14.76 38.36 -2.13
N ALA D 224 -15.55 39.02 -2.96
CA ALA D 224 -16.97 39.24 -2.69
C ALA D 224 -17.73 37.92 -2.81
#